data_6LA0
#
_entry.id   6LA0
#
_cell.length_a   47.908
_cell.length_b   169.989
_cell.length_c   50.485
_cell.angle_alpha   90.000
_cell.angle_beta   115.619
_cell.angle_gamma   90.000
#
_symmetry.space_group_name_H-M   'P 1 21 1'
#
loop_
_entity.id
_entity.type
_entity.pdbx_description
1 polymer 'Glycoside hydrolase family 5'
2 non-polymer 2-acetamido-2-deoxy-beta-D-glucopyranose
3 water water
#
_entity_poly.entity_id   1
_entity_poly.type   'polypeptide(L)'
_entity_poly.pdbx_seq_one_letter_code
;APHPRVQSPEYVNWTTFKANGVNLGGWLVQESTIDSQFWGTYSGGADDEWGLCEHLGSRCGPVLEHRYATYITERDIDKL
ASVGVGVLRIPTTYAAWIKLPGSQLYSGNQTAYLKQIADYAITKYGMHIIVDVHSLPGGTNGLTIGEASGHWGWYYNETA
FDYSMQVIDAVISFVQNSGSPQSYTIEPMNEPTDNPDMSVFGTPAALSDRGATWVLKYIRAVIDRVASVNPNIPVMFQGS
FKPEQYWSNQLPADANLVFDVHTYYFERNVTSETLPARLYADAQSKAGDGKFPVFTGEWAIQTLYQNSFALRERNVNAGL
DAMYKYSQGSCYWTAKFSGNATVNGQGTQADYWNFEYFIDHGYIDLTRFHDTK
;
_entity_poly.pdbx_strand_id   A,B
#
# COMPACT_ATOMS: atom_id res chain seq x y z
N GLU A 10 -14.21 26.91 -9.78
CA GLU A 10 -15.09 26.38 -10.81
C GLU A 10 -14.59 25.09 -11.42
N TYR A 11 -15.49 24.20 -11.82
CA TYR A 11 -15.07 23.03 -12.56
C TYR A 11 -14.71 23.40 -13.99
N VAL A 12 -13.77 22.68 -14.55
CA VAL A 12 -13.24 22.96 -15.88
C VAL A 12 -14.16 22.37 -16.94
N ASN A 13 -14.45 23.15 -17.98
CA ASN A 13 -15.18 22.66 -19.14
C ASN A 13 -14.23 22.68 -20.32
N TRP A 14 -13.84 21.49 -20.80
CA TRP A 14 -12.75 21.42 -21.75
C TRP A 14 -13.14 21.90 -23.14
N THR A 15 -14.43 22.13 -23.40
CA THR A 15 -14.77 22.74 -24.70
C THR A 15 -14.42 24.22 -24.75
N THR A 16 -14.20 24.87 -23.60
CA THR A 16 -13.83 26.28 -23.51
C THR A 16 -12.50 26.52 -22.80
N PHE A 17 -12.14 25.67 -21.85
CA PHE A 17 -10.87 25.81 -21.12
C PHE A 17 -9.68 25.52 -22.04
N LYS A 18 -8.62 26.32 -21.89
CA LYS A 18 -7.36 26.08 -22.56
C LYS A 18 -6.21 26.24 -21.57
N ALA A 19 -5.13 25.49 -21.76
CA ALA A 19 -3.99 25.63 -20.86
C ALA A 19 -2.71 25.17 -21.54
N ASN A 20 -1.58 25.72 -21.10
CA ASN A 20 -0.26 25.32 -21.56
C ASN A 20 0.57 24.87 -20.37
N GLY A 21 1.25 23.74 -20.51
CA GLY A 21 2.02 23.24 -19.38
C GLY A 21 3.02 22.16 -19.77
N VAL A 22 3.35 21.32 -18.78
CA VAL A 22 4.33 20.27 -18.96
C VAL A 22 3.82 18.99 -18.32
N ASN A 23 4.41 17.88 -18.75
CA ASN A 23 4.36 16.61 -18.03
C ASN A 23 5.42 16.59 -16.93
N LEU A 24 5.12 15.89 -15.84
CA LEU A 24 6.12 15.58 -14.82
C LEU A 24 6.59 14.14 -15.01
N GLY A 25 7.27 13.92 -16.12
CA GLY A 25 7.73 12.59 -16.45
C GLY A 25 8.95 12.19 -15.63
N GLY A 26 9.17 10.88 -15.55
CA GLY A 26 10.31 10.32 -14.85
C GLY A 26 10.28 10.45 -13.34
N TRP A 27 9.16 10.87 -12.76
CA TRP A 27 9.05 11.16 -11.34
C TRP A 27 8.36 10.02 -10.58
N LEU A 28 7.09 9.75 -10.89
CA LEU A 28 6.37 8.64 -10.28
C LEU A 28 6.22 7.46 -11.23
N VAL A 29 6.65 7.63 -12.48
CA VAL A 29 6.81 6.57 -13.47
C VAL A 29 8.26 6.63 -13.95
N GLN A 30 8.96 5.50 -13.90
CA GLN A 30 10.39 5.49 -14.23
C GLN A 30 10.59 4.98 -15.65
N GLU A 31 11.45 5.68 -16.41
CA GLU A 31 11.78 5.34 -17.79
C GLU A 31 13.28 5.60 -18.03
N SER A 32 13.88 4.75 -18.86
CA SER A 32 15.34 4.75 -18.98
C SER A 32 15.87 6.06 -19.58
N THR A 33 15.14 6.63 -20.54
CA THR A 33 15.65 7.76 -21.31
C THR A 33 15.67 9.08 -20.54
N ILE A 34 14.89 9.22 -19.48
CA ILE A 34 14.69 10.56 -18.93
C ILE A 34 15.81 10.96 -17.98
N ASP A 35 16.39 10.00 -17.25
CA ASP A 35 17.50 10.27 -16.33
C ASP A 35 18.53 9.16 -16.53
N SER A 36 19.55 9.44 -17.37
CA SER A 36 20.58 8.46 -17.67
C SER A 36 21.38 8.04 -16.43
N GLN A 37 21.62 8.98 -15.51
CA GLN A 37 22.44 8.66 -14.36
C GLN A 37 21.69 7.74 -13.40
N PHE A 38 20.41 8.04 -13.16
CA PHE A 38 19.61 7.15 -12.33
C PHE A 38 19.52 5.77 -12.95
N TRP A 39 19.29 5.70 -14.26
CA TRP A 39 19.07 4.38 -14.86
C TRP A 39 20.35 3.55 -14.86
N GLY A 40 21.49 4.18 -15.17
CA GLY A 40 22.75 3.46 -15.11
C GLY A 40 23.03 2.88 -13.73
N THR A 41 22.80 3.67 -12.68
CA THR A 41 23.15 3.24 -11.33
C THR A 41 22.26 2.11 -10.83
N TYR A 42 20.94 2.17 -11.08
CA TYR A 42 19.99 1.33 -10.37
C TYR A 42 19.25 0.29 -11.20
N SER A 43 19.35 0.32 -12.54
CA SER A 43 18.53 -0.57 -13.34
C SER A 43 19.07 -1.99 -13.45
N GLY A 44 20.37 -2.19 -13.23
CA GLY A 44 20.93 -3.53 -13.38
C GLY A 44 20.83 -4.10 -14.78
N GLY A 45 20.72 -3.25 -15.80
CA GLY A 45 20.57 -3.72 -17.17
C GLY A 45 19.14 -3.88 -17.63
N ALA A 46 18.15 -3.74 -16.75
CA ALA A 46 16.77 -3.88 -17.15
C ALA A 46 16.34 -2.72 -18.02
N ASP A 47 15.34 -2.95 -18.85
CA ASP A 47 14.83 -1.91 -19.74
C ASP A 47 13.48 -1.36 -19.29
N ASP A 48 12.91 -1.85 -18.19
CA ASP A 48 11.63 -1.35 -17.69
C ASP A 48 11.71 -1.09 -16.18
N GLU A 49 10.78 -0.27 -15.69
CA GLU A 49 10.68 -0.06 -14.23
C GLU A 49 10.47 -1.39 -13.51
N TRP A 50 9.64 -2.26 -14.08
CA TRP A 50 9.39 -3.59 -13.51
C TRP A 50 10.70 -4.33 -13.20
N GLY A 51 11.61 -4.39 -14.18
CA GLY A 51 12.84 -5.12 -14.00
C GLY A 51 13.85 -4.39 -13.12
N LEU A 52 13.90 -3.07 -13.20
CA LEU A 52 14.70 -2.28 -12.27
C LEU A 52 14.32 -2.60 -10.82
N CYS A 53 13.01 -2.61 -10.55
CA CYS A 53 12.53 -2.84 -9.19
C CYS A 53 12.81 -4.26 -8.75
N GLU A 54 12.58 -5.24 -9.62
CA GLU A 54 12.88 -6.62 -9.26
C GLU A 54 14.38 -6.80 -9.03
N HIS A 55 15.21 -6.14 -9.84
CA HIS A 55 16.66 -6.21 -9.68
C HIS A 55 17.10 -5.70 -8.31
N LEU A 56 16.50 -4.59 -7.84
CA LEU A 56 16.90 -4.02 -6.55
C LEU A 56 16.36 -4.82 -5.36
N GLY A 57 15.33 -5.63 -5.57
CA GLY A 57 14.85 -6.47 -4.49
C GLY A 57 14.36 -5.63 -3.33
N SER A 58 14.76 -5.98 -2.11
CA SER A 58 14.25 -5.26 -0.94
C SER A 58 14.66 -3.79 -0.93
N ARG A 59 15.69 -3.41 -1.70
CA ARG A 59 16.10 -2.01 -1.73
C ARG A 59 15.31 -1.16 -2.74
N CYS A 60 14.38 -1.76 -3.50
CA CYS A 60 13.65 -1.00 -4.53
C CYS A 60 12.89 0.16 -3.91
N GLY A 61 12.13 -0.10 -2.85
CA GLY A 61 11.33 0.91 -2.18
C GLY A 61 12.15 2.10 -1.69
N PRO A 62 13.14 1.83 -0.84
CA PRO A 62 13.98 2.93 -0.35
C PRO A 62 14.56 3.80 -1.45
N VAL A 63 15.01 3.19 -2.54
CA VAL A 63 15.59 3.94 -3.65
C VAL A 63 14.53 4.79 -4.34
N LEU A 64 13.37 4.21 -4.62
CA LEU A 64 12.33 4.97 -5.31
C LEU A 64 11.75 6.06 -4.40
N GLU A 65 11.55 5.75 -3.11
CA GLU A 65 11.04 6.77 -2.19
C GLU A 65 11.97 7.99 -2.14
N HIS A 66 13.28 7.75 -2.22
CA HIS A 66 14.21 8.89 -2.28
C HIS A 66 14.02 9.68 -3.56
N ARG A 67 13.79 9.00 -4.67
CA ARG A 67 13.56 9.70 -5.94
C ARG A 67 12.26 10.50 -5.90
N TYR A 68 11.20 9.92 -5.35
CA TYR A 68 9.93 10.65 -5.25
C TYR A 68 10.11 11.95 -4.47
N ALA A 69 10.98 11.95 -3.46
CA ALA A 69 11.10 13.13 -2.63
C ALA A 69 12.00 14.20 -3.25
N THR A 70 12.82 13.86 -4.23
CA THR A 70 13.86 14.79 -4.70
C THR A 70 13.77 15.15 -6.18
N TYR A 71 13.23 14.28 -7.04
CA TYR A 71 13.34 14.55 -8.48
C TYR A 71 12.46 15.73 -8.89
N ILE A 72 11.28 15.86 -8.31
CA ILE A 72 10.40 17.01 -8.54
C ILE A 72 10.04 17.58 -7.18
N THR A 73 10.34 18.87 -6.98
CA THR A 73 10.07 19.57 -5.74
C THR A 73 9.32 20.86 -6.03
N GLU A 74 8.89 21.52 -4.95
CA GLU A 74 8.16 22.78 -5.10
C GLU A 74 8.99 23.85 -5.79
N ARG A 75 10.33 23.77 -5.71
CA ARG A 75 11.16 24.74 -6.43
C ARG A 75 10.99 24.57 -7.94
N ASP A 76 10.88 23.33 -8.41
CA ASP A 76 10.58 23.10 -9.83
C ASP A 76 9.22 23.70 -10.20
N ILE A 77 8.25 23.63 -9.29
CA ILE A 77 6.95 24.22 -9.57
C ILE A 77 7.05 25.74 -9.67
N ASP A 78 7.81 26.36 -8.76
CA ASP A 78 8.05 27.79 -8.85
C ASP A 78 8.62 28.18 -10.21
N LYS A 79 9.60 27.44 -10.70
CA LYS A 79 10.19 27.77 -11.99
C LYS A 79 9.17 27.63 -13.12
N LEU A 80 8.30 26.62 -13.05
CA LEU A 80 7.25 26.49 -14.07
C LEU A 80 6.28 27.66 -14.02
N ALA A 81 5.85 28.05 -12.83
CA ALA A 81 4.92 29.17 -12.69
C ALA A 81 5.53 30.48 -13.16
N SER A 82 6.85 30.66 -12.98
CA SER A 82 7.48 31.92 -13.36
C SER A 82 7.30 32.26 -14.85
N VAL A 83 7.02 31.27 -15.70
CA VAL A 83 6.75 31.56 -17.11
C VAL A 83 5.29 31.31 -17.46
N GLY A 84 4.45 31.02 -16.46
CA GLY A 84 3.01 30.97 -16.68
C GLY A 84 2.45 29.60 -17.00
N VAL A 85 3.14 28.53 -16.61
CA VAL A 85 2.56 27.19 -16.77
C VAL A 85 1.26 27.12 -16.00
N GLY A 86 0.21 26.64 -16.68
CA GLY A 86 -1.10 26.56 -16.09
C GLY A 86 -1.68 25.17 -15.91
N VAL A 87 -0.95 24.13 -16.33
CA VAL A 87 -1.44 22.75 -16.24
C VAL A 87 -0.25 21.82 -16.07
N LEU A 88 -0.41 20.84 -15.19
CA LEU A 88 0.59 19.79 -14.96
C LEU A 88 -0.06 18.45 -15.27
N ARG A 89 0.53 17.69 -16.19
CA ARG A 89 0.17 16.29 -16.41
C ARG A 89 1.15 15.42 -15.64
N ILE A 90 0.62 14.57 -14.76
CA ILE A 90 1.41 13.81 -13.81
C ILE A 90 1.16 12.33 -14.04
N PRO A 91 2.04 11.64 -14.77
CA PRO A 91 1.91 10.20 -14.92
C PRO A 91 2.20 9.46 -13.60
N THR A 92 1.35 8.47 -13.32
CA THR A 92 1.52 7.60 -12.15
C THR A 92 1.41 6.15 -12.61
N THR A 93 2.00 5.24 -11.84
CA THR A 93 1.77 3.83 -12.11
C THR A 93 0.53 3.36 -11.36
N TYR A 94 -0.02 2.23 -11.80
CA TYR A 94 -1.18 1.70 -11.11
C TYR A 94 -0.82 1.33 -9.67
N ALA A 95 0.45 1.02 -9.44
CA ALA A 95 0.93 0.61 -8.12
C ALA A 95 0.90 1.73 -7.10
N ALA A 96 0.75 2.98 -7.54
CA ALA A 96 0.52 4.09 -6.62
C ALA A 96 -0.84 4.00 -5.95
N TRP A 97 -1.75 3.23 -6.53
CA TRP A 97 -3.16 3.27 -6.18
C TRP A 97 -3.68 1.96 -5.63
N ILE A 98 -3.17 0.81 -6.09
CA ILE A 98 -3.53 -0.49 -5.56
C ILE A 98 -2.27 -1.33 -5.40
N LYS A 99 -2.37 -2.36 -4.57
CA LYS A 99 -1.31 -3.34 -4.41
C LYS A 99 -1.77 -4.60 -5.13
N LEU A 100 -1.29 -4.78 -6.35
CA LEU A 100 -1.69 -5.90 -7.18
C LEU A 100 -0.84 -7.13 -6.85
N PRO A 101 -1.45 -8.26 -6.48
CA PRO A 101 -0.66 -9.48 -6.31
C PRO A 101 0.00 -9.87 -7.62
N GLY A 102 1.27 -10.26 -7.53
CA GLY A 102 2.03 -10.65 -8.70
C GLY A 102 2.84 -9.53 -9.34
N SER A 103 2.59 -8.27 -8.99
CA SER A 103 3.26 -7.14 -9.64
C SER A 103 4.66 -6.94 -9.05
N GLN A 104 5.60 -6.56 -9.90
CA GLN A 104 6.93 -6.19 -9.43
C GLN A 104 7.14 -4.68 -9.42
N LEU A 105 6.13 -3.90 -9.74
CA LEU A 105 6.18 -2.47 -9.52
C LEU A 105 6.01 -2.16 -8.04
N TYR A 106 6.63 -1.08 -7.58
CA TYR A 106 6.67 -0.75 -6.16
C TYR A 106 5.43 0.04 -5.75
N SER A 107 4.82 -0.38 -4.64
CA SER A 107 3.65 0.29 -4.06
C SER A 107 4.08 0.97 -2.76
N GLY A 108 4.17 2.29 -2.80
CA GLY A 108 4.70 3.08 -1.70
C GLY A 108 3.89 4.32 -1.44
N ASN A 109 4.56 5.41 -1.08
CA ASN A 109 3.91 6.67 -0.72
C ASN A 109 3.80 7.64 -1.89
N GLN A 110 3.66 7.12 -3.11
CA GLN A 110 3.51 7.97 -4.29
C GLN A 110 2.43 9.04 -4.10
N THR A 111 1.23 8.64 -3.65
CA THR A 111 0.17 9.64 -3.58
C THR A 111 0.43 10.72 -2.55
N ALA A 112 1.26 10.44 -1.54
CA ALA A 112 1.63 11.49 -0.60
C ALA A 112 2.44 12.60 -1.29
N TYR A 113 3.36 12.22 -2.18
CA TYR A 113 4.13 13.22 -2.93
C TYR A 113 3.27 13.89 -3.99
N LEU A 114 2.37 13.12 -4.60
CA LEU A 114 1.41 13.69 -5.54
C LEU A 114 0.59 14.80 -4.88
N LYS A 115 0.12 14.56 -3.67
CA LYS A 115 -0.71 15.56 -2.98
C LYS A 115 0.10 16.80 -2.59
N GLN A 116 1.30 16.60 -2.04
CA GLN A 116 2.12 17.75 -1.65
C GLN A 116 2.39 18.66 -2.83
N ILE A 117 2.81 18.08 -3.96
CA ILE A 117 3.12 18.89 -5.13
C ILE A 117 1.85 19.49 -5.75
N ALA A 118 0.79 18.67 -5.88
CA ALA A 118 -0.42 19.19 -6.52
C ALA A 118 -1.08 20.28 -5.69
N ASP A 119 -1.18 20.07 -4.37
CA ASP A 119 -1.75 21.08 -3.49
C ASP A 119 -1.02 22.41 -3.64
N TYR A 120 0.30 22.36 -3.78
CA TYR A 120 1.12 23.57 -3.89
C TYR A 120 0.87 24.28 -5.22
N ALA A 121 0.88 23.54 -6.32
CA ALA A 121 0.63 24.14 -7.63
C ALA A 121 -0.77 24.73 -7.69
N ILE A 122 -1.74 24.07 -7.04
CA ILE A 122 -3.11 24.56 -7.01
C ILE A 122 -3.22 25.80 -6.12
N THR A 123 -2.75 25.67 -4.87
CA THR A 123 -2.95 26.70 -3.87
C THR A 123 -2.20 27.97 -4.22
N LYS A 124 -0.94 27.85 -4.62
CA LYS A 124 -0.12 29.03 -4.82
C LYS A 124 -0.35 29.65 -6.20
N TYR A 125 -0.56 28.83 -7.24
CA TYR A 125 -0.52 29.32 -8.61
C TYR A 125 -1.80 29.08 -9.41
N GLY A 126 -2.75 28.32 -8.88
CA GLY A 126 -3.99 28.05 -9.60
C GLY A 126 -3.89 27.08 -10.75
N MET A 127 -2.91 26.17 -10.74
CA MET A 127 -2.77 25.26 -11.87
C MET A 127 -3.85 24.19 -11.86
N HIS A 128 -4.11 23.63 -13.04
CA HIS A 128 -4.96 22.45 -13.20
C HIS A 128 -4.09 21.21 -13.25
N ILE A 129 -4.59 20.10 -12.70
CA ILE A 129 -3.83 18.86 -12.59
C ILE A 129 -4.54 17.76 -13.37
N ILE A 130 -3.82 17.13 -14.31
CA ILE A 130 -4.24 15.91 -15.00
C ILE A 130 -3.56 14.74 -14.28
N VAL A 131 -4.35 13.91 -13.61
CA VAL A 131 -3.81 12.73 -12.95
C VAL A 131 -3.88 11.59 -13.97
N ASP A 132 -2.73 11.10 -14.41
CA ASP A 132 -2.65 10.14 -15.51
C ASP A 132 -2.30 8.77 -14.94
N VAL A 133 -3.13 7.77 -15.21
CA VAL A 133 -2.82 6.39 -14.85
C VAL A 133 -2.15 5.77 -16.07
N HIS A 134 -0.82 5.75 -16.04
CA HIS A 134 0.00 5.40 -17.19
C HIS A 134 -0.07 3.91 -17.49
N SER A 135 -0.04 3.07 -16.45
CA SER A 135 -0.05 1.62 -16.54
C SER A 135 -1.33 1.04 -15.92
N LEU A 136 -1.73 -0.13 -16.39
CA LEU A 136 -2.88 -0.85 -15.86
C LEU A 136 -2.51 -2.31 -15.65
N PRO A 137 -3.16 -2.97 -14.70
CA PRO A 137 -2.82 -4.37 -14.39
C PRO A 137 -2.83 -5.28 -15.61
N GLY A 138 -1.77 -6.06 -15.77
CA GLY A 138 -1.63 -6.96 -16.89
C GLY A 138 -0.86 -6.38 -18.07
N GLY A 139 -0.85 -5.06 -18.22
CA GLY A 139 -0.08 -4.40 -19.28
C GLY A 139 -0.90 -4.07 -20.52
N THR A 140 -0.87 -2.80 -20.94
CA THR A 140 -1.73 -2.29 -22.01
C THR A 140 -1.03 -2.10 -23.35
N ASN A 141 0.30 -2.25 -23.43
CA ASN A 141 0.97 -1.95 -24.69
C ASN A 141 2.29 -2.69 -24.90
N GLY A 142 2.64 -3.68 -24.09
CA GLY A 142 3.91 -4.35 -24.25
C GLY A 142 5.13 -3.55 -23.86
N LEU A 143 4.96 -2.32 -23.38
CA LEU A 143 6.09 -1.45 -23.04
C LEU A 143 6.13 -1.20 -21.54
N THR A 144 7.27 -0.69 -21.08
CA THR A 144 7.45 -0.38 -19.67
C THR A 144 6.34 0.53 -19.16
N ILE A 145 5.91 1.49 -19.99
CA ILE A 145 4.95 2.49 -19.54
C ILE A 145 3.58 1.87 -19.26
N GLY A 146 3.27 0.72 -19.86
CA GLY A 146 1.96 0.11 -19.80
C GLY A 146 1.83 -0.88 -18.65
N GLU A 147 3.00 -1.35 -18.18
CA GLU A 147 3.23 -2.12 -16.95
C GLU A 147 4.66 -2.65 -16.93
N ALA A 148 5.04 -3.33 -18.00
CA ALA A 148 6.35 -3.97 -18.10
C ALA A 148 6.58 -4.36 -19.55
N SER A 149 7.85 -4.45 -19.95
CA SER A 149 8.20 -4.87 -21.30
C SER A 149 7.59 -6.23 -21.58
N GLY A 150 6.94 -6.37 -22.75
CA GLY A 150 6.37 -7.64 -23.16
C GLY A 150 5.06 -8.03 -22.51
N HIS A 151 4.40 -7.13 -21.77
CA HIS A 151 3.12 -7.43 -21.13
C HIS A 151 1.98 -6.80 -21.92
N TRP A 152 1.10 -7.65 -22.48
CA TRP A 152 -0.17 -7.22 -23.07
C TRP A 152 -1.36 -7.87 -22.37
N GLY A 153 -1.20 -8.32 -21.12
CA GLY A 153 -2.18 -9.13 -20.43
C GLY A 153 -3.42 -8.43 -19.97
N TRP A 154 -3.50 -7.10 -20.12
CA TRP A 154 -4.69 -6.36 -19.70
C TRP A 154 -5.90 -6.71 -20.56
N TYR A 155 -5.69 -6.96 -21.85
CA TYR A 155 -6.80 -7.13 -22.78
C TYR A 155 -7.61 -8.39 -22.48
N TYR A 156 -8.94 -8.25 -22.47
CA TYR A 156 -9.90 -9.36 -22.39
C TYR A 156 -9.85 -10.08 -21.04
N ASN A 157 -9.21 -9.47 -20.05
CA ASN A 157 -8.86 -10.11 -18.77
C ASN A 157 -9.78 -9.52 -17.71
N GLU A 158 -10.77 -10.31 -17.28
CA GLU A 158 -11.77 -9.78 -16.34
C GLU A 158 -11.14 -9.45 -15.00
N THR A 159 -10.18 -10.25 -14.54
CA THR A 159 -9.51 -9.94 -13.29
C THR A 159 -8.78 -8.61 -13.37
N ALA A 160 -7.97 -8.43 -14.41
CA ALA A 160 -7.30 -7.16 -14.65
C ALA A 160 -8.28 -6.01 -14.78
N PHE A 161 -9.42 -6.24 -15.46
CA PHE A 161 -10.45 -5.21 -15.55
C PHE A 161 -10.97 -4.82 -14.17
N ASP A 162 -11.27 -5.80 -13.31
CA ASP A 162 -11.77 -5.48 -11.98
C ASP A 162 -10.74 -4.64 -11.20
N TYR A 163 -9.48 -5.07 -11.21
CA TYR A 163 -8.43 -4.30 -10.55
C TYR A 163 -8.29 -2.90 -11.14
N SER A 164 -8.51 -2.75 -12.45
CA SER A 164 -8.39 -1.43 -13.05
C SER A 164 -9.46 -0.49 -12.51
N MET A 165 -10.71 -0.97 -12.38
CA MET A 165 -11.75 -0.10 -11.82
C MET A 165 -11.50 0.23 -10.36
N GLN A 166 -10.90 -0.69 -9.61
CA GLN A 166 -10.47 -0.34 -8.25
C GLN A 166 -9.42 0.78 -8.26
N VAL A 167 -8.51 0.76 -9.24
CA VAL A 167 -7.57 1.87 -9.42
C VAL A 167 -8.33 3.18 -9.59
N ILE A 168 -9.34 3.19 -10.48
CA ILE A 168 -10.09 4.41 -10.74
C ILE A 168 -10.89 4.85 -9.50
N ASP A 169 -11.46 3.88 -8.76
CA ASP A 169 -12.13 4.21 -7.50
C ASP A 169 -11.20 4.97 -6.57
N ALA A 170 -9.93 4.56 -6.51
CA ALA A 170 -8.95 5.21 -5.65
C ALA A 170 -8.60 6.62 -6.15
N VAL A 171 -8.47 6.79 -7.47
CA VAL A 171 -8.22 8.13 -8.00
C VAL A 171 -9.41 9.04 -7.70
N ILE A 172 -10.63 8.54 -7.91
CA ILE A 172 -11.82 9.35 -7.66
C ILE A 172 -11.82 9.87 -6.23
N SER A 173 -11.53 8.98 -5.27
CA SER A 173 -11.51 9.36 -3.86
C SER A 173 -10.45 10.43 -3.60
N PHE A 174 -9.24 10.24 -4.15
CA PHE A 174 -8.17 11.24 -4.03
C PHE A 174 -8.64 12.62 -4.49
N VAL A 175 -9.29 12.68 -5.66
CA VAL A 175 -9.83 13.94 -6.16
C VAL A 175 -10.91 14.48 -5.23
N GLN A 176 -11.84 13.62 -4.81
CA GLN A 176 -12.97 14.06 -4.01
C GLN A 176 -12.52 14.63 -2.67
N ASN A 177 -11.50 14.03 -2.05
CA ASN A 177 -11.02 14.45 -0.74
C ASN A 177 -9.80 15.38 -0.84
N SER A 178 -9.55 15.94 -2.02
CA SER A 178 -8.40 16.78 -2.24
C SER A 178 -8.51 18.14 -1.56
N GLY A 179 -9.72 18.59 -1.22
CA GLY A 179 -9.94 19.97 -0.86
C GLY A 179 -10.18 20.89 -2.05
N SER A 180 -9.98 20.41 -3.27
CA SER A 180 -10.25 21.23 -4.43
C SER A 180 -10.53 20.30 -5.62
N PRO A 181 -11.64 19.55 -5.61
CA PRO A 181 -11.87 18.58 -6.68
C PRO A 181 -12.07 19.23 -8.05
N GLN A 182 -12.40 20.52 -8.09
CA GLN A 182 -12.55 21.24 -9.36
C GLN A 182 -11.21 21.47 -10.07
N SER A 183 -10.11 21.03 -9.47
CA SER A 183 -8.77 21.24 -9.98
C SER A 183 -8.22 20.05 -10.75
N TYR A 184 -8.97 18.95 -10.89
CA TYR A 184 -8.39 17.72 -11.40
C TYR A 184 -9.16 17.19 -12.60
N THR A 185 -8.40 16.67 -13.56
CA THR A 185 -8.91 15.87 -14.67
C THR A 185 -8.37 14.46 -14.54
N ILE A 186 -9.24 13.46 -14.67
CA ILE A 186 -8.85 12.06 -14.48
C ILE A 186 -8.59 11.42 -15.83
N GLU A 187 -7.36 10.91 -16.03
CA GLU A 187 -6.98 10.22 -17.26
C GLU A 187 -6.72 8.74 -16.95
N PRO A 188 -7.66 7.85 -17.25
CA PRO A 188 -7.61 6.48 -16.73
C PRO A 188 -6.76 5.48 -17.51
N MET A 189 -6.07 5.90 -18.57
CA MET A 189 -5.13 5.02 -19.26
C MET A 189 -4.24 5.87 -20.16
N ASN A 190 -3.23 5.24 -20.75
CA ASN A 190 -2.26 5.92 -21.59
C ASN A 190 -1.75 4.96 -22.66
N GLU A 191 -1.84 5.39 -23.92
CA GLU A 191 -1.31 4.69 -25.10
C GLU A 191 -1.55 3.17 -25.13
N PRO A 192 -2.81 2.73 -25.09
CA PRO A 192 -3.08 1.29 -25.25
C PRO A 192 -2.86 0.86 -26.70
N THR A 193 -2.02 -0.17 -26.89
CA THR A 193 -1.81 -0.77 -28.20
C THR A 193 -1.72 -2.29 -28.05
N ASP A 194 -2.17 -3.01 -29.09
CA ASP A 194 -2.00 -4.46 -29.12
C ASP A 194 -1.25 -5.00 -30.34
N ASN A 195 -0.74 -4.13 -31.21
CA ASN A 195 0.01 -4.58 -32.40
C ASN A 195 1.46 -4.84 -32.02
N PRO A 196 2.01 -6.04 -32.28
CA PRO A 196 3.41 -6.31 -31.91
C PRO A 196 4.46 -5.69 -32.82
N ASP A 197 4.10 -5.14 -33.98
CA ASP A 197 5.08 -4.53 -34.88
C ASP A 197 5.43 -3.15 -34.35
N MET A 198 6.69 -2.97 -33.93
CA MET A 198 7.09 -1.71 -33.32
C MET A 198 7.15 -0.57 -34.32
N SER A 199 7.39 -0.87 -35.61
CA SER A 199 7.45 0.20 -36.60
C SER A 199 6.12 0.89 -36.83
N VAL A 200 5.01 0.30 -36.36
CA VAL A 200 3.69 0.93 -36.47
C VAL A 200 3.25 1.58 -35.16
N PHE A 201 4.11 1.59 -34.15
CA PHE A 201 3.76 2.30 -32.92
C PHE A 201 3.65 3.79 -33.21
N GLY A 202 2.73 4.44 -32.51
CA GLY A 202 2.41 5.84 -32.76
C GLY A 202 1.47 6.09 -33.92
N THR A 203 0.96 5.04 -34.57
CA THR A 203 0.07 5.18 -35.70
C THR A 203 -1.24 4.45 -35.41
N PRO A 204 -2.31 4.76 -36.15
CA PRO A 204 -3.61 4.10 -35.91
C PRO A 204 -3.55 2.58 -35.91
N ALA A 205 -2.78 1.96 -36.81
CA ALA A 205 -2.75 0.50 -36.90
C ALA A 205 -2.17 -0.16 -35.66
N ALA A 206 -1.66 0.61 -34.70
CA ALA A 206 -1.12 0.03 -33.49
C ALA A 206 -2.17 -0.61 -32.60
N LEU A 207 -3.46 -0.35 -32.85
CA LEU A 207 -4.55 -0.93 -32.09
C LEU A 207 -5.55 -1.55 -33.07
N SER A 208 -5.78 -2.85 -32.92
CA SER A 208 -6.76 -3.57 -33.72
C SER A 208 -8.18 -3.21 -33.31
N ASP A 209 -9.14 -3.51 -34.18
CA ASP A 209 -10.54 -3.28 -33.81
C ASP A 209 -10.96 -4.18 -32.66
N ARG A 210 -10.43 -5.40 -32.60
CA ARG A 210 -10.71 -6.29 -31.48
C ARG A 210 -10.25 -5.67 -30.17
N GLY A 211 -9.00 -5.17 -30.15
CA GLY A 211 -8.49 -4.51 -28.96
C GLY A 211 -9.23 -3.22 -28.63
N ALA A 212 -9.75 -2.54 -29.65
CA ALA A 212 -10.49 -1.30 -29.43
C ALA A 212 -11.84 -1.56 -28.73
N THR A 213 -12.46 -2.72 -28.93
CA THR A 213 -13.71 -2.98 -28.23
C THR A 213 -13.47 -3.09 -26.73
N TRP A 214 -12.35 -3.70 -26.33
CA TRP A 214 -12.03 -3.78 -24.91
C TRP A 214 -11.71 -2.40 -24.34
N VAL A 215 -10.97 -1.58 -25.10
CA VAL A 215 -10.68 -0.22 -24.64
C VAL A 215 -11.98 0.57 -24.45
N LEU A 216 -12.90 0.47 -25.42
CA LEU A 216 -14.19 1.15 -25.30
C LEU A 216 -14.96 0.65 -24.09
N LYS A 217 -15.02 -0.67 -23.87
CA LYS A 217 -15.64 -1.18 -22.66
C LYS A 217 -15.08 -0.48 -21.42
N TYR A 218 -13.73 -0.38 -21.34
CA TYR A 218 -13.09 0.26 -20.19
C TYR A 218 -13.47 1.73 -20.08
N ILE A 219 -13.36 2.49 -21.17
CA ILE A 219 -13.53 3.94 -21.03
C ILE A 219 -14.98 4.27 -20.71
N ARG A 220 -15.93 3.47 -21.21
CA ARG A 220 -17.32 3.75 -20.85
C ARG A 220 -17.57 3.38 -19.39
N ALA A 221 -16.96 2.29 -18.93
CA ALA A 221 -17.10 1.92 -17.52
C ALA A 221 -16.56 3.03 -16.62
N VAL A 222 -15.45 3.66 -17.02
CA VAL A 222 -14.84 4.74 -16.25
C VAL A 222 -15.68 6.00 -16.31
N ILE A 223 -16.16 6.37 -17.50
CA ILE A 223 -17.02 7.55 -17.61
C ILE A 223 -18.19 7.43 -16.65
N ASP A 224 -18.82 6.24 -16.63
CA ASP A 224 -19.99 6.03 -15.76
C ASP A 224 -19.61 6.05 -14.30
N ARG A 225 -18.47 5.43 -13.95
CA ARG A 225 -18.10 5.36 -12.53
C ARG A 225 -17.77 6.73 -11.98
N VAL A 226 -17.03 7.54 -12.73
CA VAL A 226 -16.69 8.89 -12.27
C VAL A 226 -17.95 9.72 -12.15
N ALA A 227 -18.79 9.72 -13.18
CA ALA A 227 -20.00 10.53 -13.18
C ALA A 227 -20.97 10.10 -12.09
N SER A 228 -20.96 8.82 -11.70
CA SER A 228 -21.83 8.39 -10.62
C SER A 228 -21.43 9.00 -9.28
N VAL A 229 -20.18 9.43 -9.13
CA VAL A 229 -19.74 10.10 -7.91
C VAL A 229 -19.77 11.62 -8.05
N ASN A 230 -19.24 12.14 -9.16
CA ASN A 230 -19.17 13.59 -9.35
C ASN A 230 -19.18 13.84 -10.85
N PRO A 231 -20.34 14.20 -11.42
CA PRO A 231 -20.42 14.38 -12.88
C PRO A 231 -19.63 15.57 -13.40
N ASN A 232 -19.02 16.38 -12.53
CA ASN A 232 -18.30 17.57 -12.93
C ASN A 232 -16.80 17.34 -13.14
N ILE A 233 -16.26 16.21 -12.67
CA ILE A 233 -14.87 15.83 -12.91
C ILE A 233 -14.73 15.37 -14.35
N PRO A 234 -13.90 16.03 -15.17
CA PRO A 234 -13.70 15.58 -16.56
C PRO A 234 -12.83 14.34 -16.65
N VAL A 235 -13.15 13.51 -17.65
CA VAL A 235 -12.38 12.30 -17.98
C VAL A 235 -11.59 12.59 -19.25
N MET A 236 -10.29 12.26 -19.23
CA MET A 236 -9.41 12.47 -20.38
C MET A 236 -9.06 11.11 -20.99
N PHE A 237 -9.46 10.91 -22.25
CA PHE A 237 -9.35 9.64 -22.96
C PHE A 237 -8.17 9.73 -23.92
N GLN A 238 -7.08 9.03 -23.59
CA GLN A 238 -5.93 8.84 -24.48
C GLN A 238 -6.30 7.68 -25.39
N GLY A 239 -6.96 7.98 -26.51
CA GLY A 239 -7.53 6.94 -27.35
C GLY A 239 -6.51 6.33 -28.30
N SER A 240 -5.40 5.85 -27.73
CA SER A 240 -4.29 5.25 -28.48
C SER A 240 -3.89 6.24 -29.57
N PHE A 241 -3.61 5.78 -30.78
CA PHE A 241 -3.20 6.69 -31.84
C PHE A 241 -4.24 6.80 -32.95
N LYS A 242 -5.52 6.62 -32.61
CA LYS A 242 -6.61 6.91 -33.54
C LYS A 242 -6.94 8.40 -33.55
N PRO A 243 -7.55 8.90 -34.62
CA PRO A 243 -8.12 10.24 -34.56
C PRO A 243 -9.32 10.26 -33.63
N GLU A 244 -9.60 11.44 -33.07
CA GLU A 244 -10.80 11.56 -32.23
C GLU A 244 -12.04 11.10 -32.99
N GLN A 245 -12.09 11.33 -34.31
CA GLN A 245 -13.28 10.92 -35.06
C GLN A 245 -13.51 9.42 -35.04
N TYR A 246 -12.47 8.62 -34.78
CA TYR A 246 -12.62 7.17 -34.70
C TYR A 246 -13.46 6.77 -33.49
N TRP A 247 -13.41 7.55 -32.41
CA TRP A 247 -14.09 7.20 -31.16
C TRP A 247 -15.39 7.95 -30.96
N SER A 248 -15.56 9.07 -31.64
CA SER A 248 -16.57 10.04 -31.20
C SER A 248 -17.98 9.51 -31.40
N ASN A 249 -18.20 8.64 -32.38
CA ASN A 249 -19.57 8.17 -32.59
C ASN A 249 -19.86 6.89 -31.84
N GLN A 250 -18.92 6.40 -31.05
CA GLN A 250 -19.17 5.28 -30.14
C GLN A 250 -19.48 5.73 -28.73
N LEU A 251 -19.61 7.04 -28.49
CA LEU A 251 -19.81 7.55 -27.15
C LEU A 251 -20.91 8.60 -27.09
N PRO A 252 -21.77 8.55 -26.07
CA PRO A 252 -22.83 9.56 -25.95
C PRO A 252 -22.27 10.97 -25.85
N ALA A 253 -22.98 11.91 -26.49
CA ALA A 253 -22.52 13.29 -26.59
C ALA A 253 -22.32 13.94 -25.22
N ASP A 254 -23.10 13.54 -24.22
CA ASP A 254 -23.04 14.20 -22.92
C ASP A 254 -21.95 13.65 -22.00
N ALA A 255 -21.10 12.74 -22.46
CA ALA A 255 -19.96 12.36 -21.63
C ALA A 255 -19.08 13.58 -21.37
N ASN A 256 -18.65 13.75 -20.12
CA ASN A 256 -17.75 14.84 -19.74
C ASN A 256 -16.33 14.38 -20.07
N LEU A 257 -15.98 14.58 -21.34
CA LEU A 257 -14.91 13.83 -21.98
C LEU A 257 -14.05 14.76 -22.83
N VAL A 258 -12.74 14.67 -22.64
CA VAL A 258 -11.77 15.36 -23.48
C VAL A 258 -10.77 14.33 -23.99
N PHE A 259 -10.32 14.50 -25.24
CA PHE A 259 -9.40 13.56 -25.87
C PHE A 259 -7.97 14.07 -25.72
N ASP A 260 -7.04 13.17 -25.36
CA ASP A 260 -5.62 13.46 -25.25
C ASP A 260 -4.91 12.83 -26.44
N VAL A 261 -4.32 13.66 -27.33
CA VAL A 261 -3.52 13.15 -28.43
C VAL A 261 -2.05 13.44 -28.18
N HIS A 262 -1.19 12.54 -28.69
CA HIS A 262 0.27 12.64 -28.55
C HIS A 262 0.91 12.79 -29.93
N THR A 263 1.85 13.72 -30.05
CA THR A 263 2.46 14.03 -31.35
C THR A 263 3.96 14.14 -31.18
N TYR A 264 4.70 13.24 -31.84
CA TYR A 264 6.15 13.22 -31.80
C TYR A 264 6.74 13.17 -33.21
N TYR A 265 8.03 13.50 -33.31
CA TYR A 265 8.71 13.65 -34.59
C TYR A 265 10.08 12.97 -34.67
N PHE A 266 10.51 12.28 -33.61
CA PHE A 266 11.87 11.74 -33.61
C PHE A 266 12.04 10.50 -34.50
N GLU A 267 10.95 9.89 -34.98
CA GLU A 267 11.08 8.83 -35.96
C GLU A 267 10.38 9.17 -37.29
N ARG A 268 10.10 10.45 -37.54
CA ARG A 268 9.53 10.88 -38.80
C ARG A 268 10.54 11.67 -39.63
N ASN A 269 10.45 11.52 -40.95
CA ASN A 269 11.36 12.18 -41.88
C ASN A 269 11.07 13.68 -41.95
N VAL A 270 11.68 14.42 -41.04
CA VAL A 270 11.48 15.86 -40.88
C VAL A 270 12.75 16.41 -40.25
N THR A 271 13.02 17.69 -40.47
CA THR A 271 14.20 18.36 -39.95
C THR A 271 13.79 19.51 -39.05
N SER A 272 14.73 20.01 -38.25
CA SER A 272 14.45 21.19 -37.44
C SER A 272 13.97 22.36 -38.33
N GLU A 273 14.58 22.50 -39.51
CA GLU A 273 14.20 23.55 -40.44
C GLU A 273 12.73 23.49 -40.81
N THR A 274 12.26 22.30 -41.17
CA THR A 274 10.91 22.12 -41.71
C THR A 274 9.90 21.72 -40.67
N LEU A 275 10.32 21.63 -39.40
CA LEU A 275 9.41 21.17 -38.37
C LEU A 275 8.16 22.04 -38.21
N PRO A 276 8.21 23.38 -38.26
CA PRO A 276 6.97 24.14 -38.00
C PRO A 276 5.82 23.80 -38.93
N ALA A 277 6.09 23.66 -40.24
CA ALA A 277 5.04 23.24 -41.16
C ALA A 277 4.37 21.95 -40.68
N ARG A 278 5.16 21.00 -40.18
CA ARG A 278 4.59 19.74 -39.72
C ARG A 278 3.78 19.92 -38.44
N LEU A 279 4.28 20.76 -37.52
CA LEU A 279 3.54 21.04 -36.30
C LEU A 279 2.16 21.61 -36.60
N TYR A 280 2.09 22.53 -37.58
CA TYR A 280 0.81 23.17 -37.87
C TYR A 280 -0.11 22.20 -38.60
N ALA A 281 0.43 21.41 -39.53
CA ALA A 281 -0.38 20.42 -40.24
C ALA A 281 -0.97 19.42 -39.27
N ASP A 282 -0.15 18.92 -38.34
CA ASP A 282 -0.59 17.88 -37.40
C ASP A 282 -1.67 18.39 -36.47
N ALA A 283 -1.49 19.61 -35.93
CA ALA A 283 -2.48 20.18 -35.04
C ALA A 283 -3.81 20.39 -35.77
N GLN A 284 -3.73 20.80 -37.05
CA GLN A 284 -4.95 20.96 -37.84
C GLN A 284 -5.66 19.63 -38.05
N SER A 285 -4.92 18.58 -38.40
CA SER A 285 -5.56 17.30 -38.69
C SER A 285 -6.06 16.59 -37.43
N LYS A 286 -5.51 16.92 -36.26
CA LYS A 286 -5.96 16.30 -35.01
C LYS A 286 -7.00 17.13 -34.29
N ALA A 287 -7.52 18.17 -34.92
CA ALA A 287 -8.46 19.05 -34.24
C ALA A 287 -9.79 18.36 -33.92
N GLY A 288 -10.12 17.27 -34.61
CA GLY A 288 -11.34 16.55 -34.32
C GLY A 288 -12.57 17.10 -35.03
N ASP A 289 -13.71 16.49 -34.71
CA ASP A 289 -14.98 16.85 -35.35
C ASP A 289 -15.85 17.80 -34.51
N GLY A 290 -15.36 18.27 -33.37
CA GLY A 290 -16.11 19.17 -32.50
C GLY A 290 -17.14 18.54 -31.58
N LYS A 291 -17.43 17.24 -31.72
CA LYS A 291 -18.34 16.61 -30.78
C LYS A 291 -17.71 16.52 -29.39
N PHE A 292 -16.40 16.32 -29.33
CA PHE A 292 -15.62 16.36 -28.09
C PHE A 292 -14.34 17.16 -28.33
N PRO A 293 -13.81 17.82 -27.30
CA PRO A 293 -12.59 18.63 -27.47
C PRO A 293 -11.32 17.78 -27.40
N VAL A 294 -10.22 18.40 -27.83
CA VAL A 294 -8.92 17.74 -27.98
C VAL A 294 -7.85 18.52 -27.21
N PHE A 295 -6.99 17.77 -26.49
CA PHE A 295 -5.84 18.30 -25.78
C PHE A 295 -4.60 17.52 -26.21
N THR A 296 -3.49 18.22 -26.39
CA THR A 296 -2.25 17.58 -26.85
C THR A 296 -1.41 17.34 -25.59
N GLY A 297 -1.64 16.21 -24.94
CA GLY A 297 -0.99 15.93 -23.67
C GLY A 297 0.49 15.56 -23.71
N GLU A 298 1.03 15.22 -24.87
CA GLU A 298 2.46 14.89 -25.02
C GLU A 298 2.96 15.36 -26.39
N TRP A 299 4.10 16.04 -26.41
CA TRP A 299 4.80 16.37 -27.65
C TRP A 299 6.23 16.79 -27.29
N ALA A 300 7.08 16.85 -28.32
CA ALA A 300 8.48 17.31 -28.17
C ALA A 300 9.04 17.65 -29.54
N ILE A 301 10.17 18.38 -29.56
CA ILE A 301 10.67 18.98 -30.79
C ILE A 301 11.83 18.21 -31.44
N GLN A 302 12.26 17.07 -30.89
CA GLN A 302 13.35 16.36 -31.56
C GLN A 302 12.82 15.75 -32.86
N THR A 303 13.57 15.94 -33.95
CA THR A 303 13.21 15.37 -35.24
C THR A 303 14.15 14.21 -35.54
N LEU A 304 13.75 13.37 -36.49
CA LEU A 304 14.62 12.25 -36.82
C LEU A 304 15.94 12.74 -37.41
N TYR A 305 15.90 13.76 -38.27
CA TYR A 305 17.09 14.24 -38.98
C TYR A 305 17.42 15.70 -38.65
N GLN A 306 18.72 16.03 -38.75
CA GLN A 306 19.23 17.39 -38.78
C GLN A 306 18.69 18.26 -37.64
N ASN A 307 18.93 17.82 -36.41
CA ASN A 307 18.51 18.61 -35.26
C ASN A 307 19.40 19.84 -35.08
N SER A 308 18.78 20.96 -34.70
CA SER A 308 19.48 22.24 -34.65
C SER A 308 19.27 22.89 -33.29
N PHE A 309 20.38 23.16 -32.58
CA PHE A 309 20.32 23.97 -31.35
C PHE A 309 19.63 25.31 -31.61
N ALA A 310 20.05 26.00 -32.68
CA ALA A 310 19.61 27.38 -32.91
C ALA A 310 18.11 27.49 -33.11
N LEU A 311 17.48 26.49 -33.70
CA LEU A 311 16.05 26.59 -33.99
C LEU A 311 15.15 26.11 -32.85
N ARG A 312 15.71 25.78 -31.68
CA ARG A 312 14.88 25.25 -30.61
C ARG A 312 13.84 26.27 -30.15
N GLU A 313 14.23 27.54 -30.01
CA GLU A 313 13.29 28.54 -29.52
C GLU A 313 12.14 28.72 -30.50
N ARG A 314 12.47 28.85 -31.80
CA ARG A 314 11.42 29.04 -32.79
C ARG A 314 10.47 27.85 -32.82
N ASN A 315 11.02 26.63 -32.74
CA ASN A 315 10.21 25.43 -32.93
C ASN A 315 9.32 25.13 -31.71
N VAL A 316 9.82 25.27 -30.48
CA VAL A 316 8.95 25.04 -29.33
C VAL A 316 7.84 26.08 -29.30
N ASN A 317 8.16 27.33 -29.68
CA ASN A 317 7.10 28.33 -29.65
C ASN A 317 6.11 28.13 -30.78
N ALA A 318 6.57 27.59 -31.92
CA ALA A 318 5.65 27.29 -33.03
C ALA A 318 4.73 26.12 -32.68
N GLY A 319 5.22 25.16 -31.91
CA GLY A 319 4.35 24.09 -31.44
C GLY A 319 3.30 24.58 -30.46
N LEU A 320 3.72 25.39 -29.49
CA LEU A 320 2.77 26.01 -28.56
C LEU A 320 1.67 26.74 -29.31
N ASP A 321 2.05 27.52 -30.34
CA ASP A 321 1.10 28.26 -31.17
C ASP A 321 0.09 27.33 -31.86
N ALA A 322 0.60 26.27 -32.50
CA ALA A 322 -0.24 25.36 -33.27
C ALA A 322 -1.23 24.62 -32.39
N MET A 323 -0.78 24.09 -31.27
CA MET A 323 -1.70 23.29 -30.46
C MET A 323 -2.69 24.18 -29.71
N TYR A 324 -2.35 25.44 -29.46
CA TYR A 324 -3.30 26.35 -28.82
C TYR A 324 -4.35 26.86 -29.80
N LYS A 325 -3.96 27.00 -31.07
CA LYS A 325 -4.89 27.53 -32.08
C LYS A 325 -5.92 26.48 -32.48
N TYR A 326 -5.49 25.25 -32.73
CA TYR A 326 -6.40 24.21 -33.23
C TYR A 326 -7.03 23.36 -32.13
N SER A 327 -6.45 23.41 -30.94
CA SER A 327 -6.90 22.52 -29.85
C SER A 327 -7.03 23.27 -28.51
N GLN A 328 -7.04 22.56 -27.38
CA GLN A 328 -7.21 23.27 -26.09
C GLN A 328 -5.85 23.52 -25.40
N GLY A 329 -4.75 23.32 -26.11
CA GLY A 329 -3.45 23.54 -25.51
C GLY A 329 -2.58 22.30 -25.50
N SER A 330 -1.51 22.30 -24.72
CA SER A 330 -0.52 21.23 -24.81
C SER A 330 0.26 21.10 -23.51
N CYS A 331 0.83 19.91 -23.30
CA CYS A 331 1.80 19.66 -22.23
C CYS A 331 3.07 19.11 -22.84
N TYR A 332 4.19 19.78 -22.62
CA TYR A 332 5.45 19.30 -23.18
C TYR A 332 5.95 18.06 -22.43
N TRP A 333 6.60 17.15 -23.17
CA TRP A 333 7.33 16.04 -22.58
C TRP A 333 8.83 16.35 -22.67
N THR A 334 9.46 16.71 -21.56
CA THR A 334 8.93 16.67 -20.19
C THR A 334 9.60 17.81 -19.40
N ALA A 335 9.22 18.02 -18.13
CA ALA A 335 9.69 19.18 -17.39
C ALA A 335 11.21 19.19 -17.23
N LYS A 336 11.78 18.05 -16.80
CA LYS A 336 13.21 17.88 -16.59
C LYS A 336 13.68 16.59 -17.26
N PHE A 337 14.82 16.65 -17.95
CA PHE A 337 15.28 15.56 -18.80
C PHE A 337 16.80 15.67 -18.90
N SER A 338 17.50 14.56 -18.58
CA SER A 338 18.96 14.53 -18.67
C SER A 338 19.51 13.33 -19.43
N GLY A 339 18.68 12.55 -20.13
CA GLY A 339 19.20 11.46 -20.94
C GLY A 339 20.16 11.94 -22.01
N ASN A 340 21.23 11.16 -22.25
CA ASN A 340 22.34 11.62 -23.09
C ASN A 340 22.47 10.84 -24.39
N ALA A 341 21.43 10.12 -24.82
CA ALA A 341 21.48 9.46 -26.12
C ALA A 341 21.69 10.49 -27.23
N THR A 342 22.54 10.15 -28.19
CA THR A 342 22.80 11.12 -29.25
C THR A 342 21.60 11.20 -30.20
N VAL A 343 21.51 12.32 -30.90
CA VAL A 343 20.50 12.52 -31.94
C VAL A 343 21.23 12.88 -33.23
N ASN A 344 20.53 12.76 -34.35
CA ASN A 344 21.11 13.12 -35.64
C ASN A 344 21.23 14.63 -35.72
N GLY A 345 22.44 15.11 -35.99
CA GLY A 345 22.72 16.54 -36.00
C GLY A 345 23.42 16.99 -34.73
N GLN A 346 22.91 18.07 -34.12
CA GLN A 346 23.57 18.71 -32.99
C GLN A 346 23.06 18.15 -31.66
N GLY A 347 23.98 17.65 -30.83
CA GLY A 347 23.70 17.43 -29.43
C GLY A 347 23.15 16.05 -29.11
N THR A 348 22.46 15.98 -27.97
CA THR A 348 21.84 14.77 -27.45
C THR A 348 20.36 15.04 -27.18
N GLN A 349 19.63 14.01 -26.78
CA GLN A 349 18.21 14.21 -26.47
C GLN A 349 18.03 15.24 -25.36
N ALA A 350 19.00 15.36 -24.44
CA ALA A 350 18.84 16.29 -23.32
C ALA A 350 18.81 17.74 -23.77
N ASP A 351 19.27 18.03 -24.98
CA ASP A 351 19.19 19.38 -25.51
C ASP A 351 17.81 19.70 -26.09
N TYR A 352 16.96 18.70 -26.31
CA TYR A 352 15.66 18.90 -26.97
C TYR A 352 14.45 18.49 -26.15
N TRP A 353 14.61 17.65 -25.12
CA TRP A 353 13.49 17.15 -24.35
C TRP A 353 13.39 17.79 -22.96
N ASN A 354 14.24 18.76 -22.67
CA ASN A 354 14.38 19.33 -21.33
C ASN A 354 13.69 20.67 -21.36
N PHE A 355 12.46 20.74 -20.85
CA PHE A 355 11.72 22.00 -20.88
C PHE A 355 12.37 23.06 -19.99
N GLU A 356 13.10 22.63 -18.94
CA GLU A 356 13.73 23.60 -18.04
C GLU A 356 14.74 24.48 -18.76
N TYR A 357 15.44 23.93 -19.74
CA TYR A 357 16.41 24.73 -20.48
C TYR A 357 15.73 25.84 -21.27
N PHE A 358 14.58 25.55 -21.89
CA PHE A 358 13.83 26.59 -22.60
C PHE A 358 13.46 27.72 -21.65
N ILE A 359 13.02 27.38 -20.43
CA ILE A 359 12.68 28.39 -19.43
C ILE A 359 13.92 29.19 -19.06
N ASP A 360 15.02 28.49 -18.76
CA ASP A 360 16.22 29.15 -18.23
C ASP A 360 16.88 30.07 -19.26
N HIS A 361 16.68 29.84 -20.56
CA HIS A 361 17.31 30.65 -21.57
C HIS A 361 16.32 31.58 -22.26
N GLY A 362 15.17 31.83 -21.64
CA GLY A 362 14.25 32.87 -22.05
C GLY A 362 13.36 32.56 -23.22
N TYR A 363 13.17 31.28 -23.56
CA TYR A 363 12.34 30.94 -24.71
C TYR A 363 10.84 31.03 -24.42
N ILE A 364 10.44 30.93 -23.15
CA ILE A 364 9.05 30.65 -22.79
C ILE A 364 8.44 31.87 -22.10
N ASP A 365 7.28 32.30 -22.61
CA ASP A 365 6.41 33.27 -21.91
C ASP A 365 4.98 32.86 -22.24
N LEU A 366 4.40 32.00 -21.40
CA LEU A 366 3.07 31.50 -21.72
C LEU A 366 1.98 32.53 -21.46
N THR A 367 2.30 33.65 -20.81
CA THR A 367 1.30 34.69 -20.62
C THR A 367 0.92 35.39 -21.92
N ARG A 368 1.68 35.17 -23.00
CA ARG A 368 1.31 35.78 -24.27
C ARG A 368 0.04 35.19 -24.86
N PHE A 369 -0.44 34.06 -24.34
CA PHE A 369 -1.64 33.45 -24.88
C PHE A 369 -2.88 33.96 -24.14
N GLU B 10 4.51 9.61 32.05
CA GLU B 10 4.29 9.78 30.62
C GLU B 10 4.31 8.43 29.90
N TYR B 11 5.49 7.86 29.72
CA TYR B 11 5.62 6.58 29.05
C TYR B 11 5.46 5.43 30.03
N VAL B 12 5.09 4.27 29.50
CA VAL B 12 4.88 3.09 30.32
C VAL B 12 6.21 2.41 30.58
N ASN B 13 6.45 2.03 31.84
CA ASN B 13 7.60 1.22 32.24
C ASN B 13 7.05 -0.12 32.70
N TRP B 14 7.32 -1.18 31.93
CA TRP B 14 6.71 -2.46 32.23
C TRP B 14 7.23 -3.09 33.52
N THR B 15 8.26 -2.51 34.16
CA THR B 15 8.63 -2.99 35.48
C THR B 15 7.62 -2.59 36.55
N THR B 16 6.94 -1.46 36.37
CA THR B 16 5.94 -1.00 37.33
C THR B 16 4.52 -1.10 36.80
N PHE B 17 4.33 -0.96 35.49
CA PHE B 17 2.99 -0.88 34.90
C PHE B 17 2.33 -2.24 34.81
N LYS B 18 1.02 -2.30 35.10
CA LYS B 18 0.24 -3.51 34.92
C LYS B 18 -1.09 -3.17 34.28
N ALA B 19 -1.65 -4.13 33.57
CA ALA B 19 -2.94 -3.90 32.95
C ALA B 19 -3.57 -5.23 32.57
N ASN B 20 -4.90 -5.22 32.46
CA ASN B 20 -5.67 -6.39 32.07
C ASN B 20 -6.55 -6.03 30.87
N GLY B 21 -6.61 -6.92 29.90
CA GLY B 21 -7.35 -6.64 28.67
C GLY B 21 -7.64 -7.83 27.77
N VAL B 22 -7.78 -7.53 26.47
CA VAL B 22 -8.17 -8.52 25.48
C VAL B 22 -7.31 -8.36 24.22
N ASN B 23 -7.26 -9.44 23.45
CA ASN B 23 -6.79 -9.40 22.08
C ASN B 23 -7.94 -9.04 21.15
N LEU B 24 -7.64 -8.27 20.11
CA LEU B 24 -8.60 -8.06 19.01
C LEU B 24 -8.28 -9.03 17.87
N GLY B 25 -8.39 -10.32 18.17
CA GLY B 25 -8.13 -11.34 17.19
C GLY B 25 -9.17 -11.34 16.07
N GLY B 26 -8.76 -11.92 14.92
CA GLY B 26 -9.66 -12.07 13.79
C GLY B 26 -10.08 -10.81 13.07
N TRP B 27 -9.47 -9.66 13.40
CA TRP B 27 -9.91 -8.39 12.85
C TRP B 27 -9.02 -7.94 11.69
N LEU B 28 -7.74 -7.68 11.97
CA LEU B 28 -6.79 -7.39 10.90
C LEU B 28 -5.92 -8.60 10.57
N VAL B 29 -6.03 -9.69 11.35
CA VAL B 29 -5.43 -10.98 11.01
C VAL B 29 -6.57 -12.00 10.94
N GLN B 30 -6.69 -12.71 9.81
CA GLN B 30 -7.79 -13.65 9.64
C GLN B 30 -7.38 -15.06 10.06
N GLU B 31 -8.26 -15.73 10.84
CA GLU B 31 -8.08 -17.12 11.23
C GLU B 31 -9.41 -17.88 11.20
N SER B 32 -9.33 -19.18 10.86
CA SER B 32 -10.53 -19.95 10.59
C SER B 32 -11.44 -20.08 11.81
N THR B 33 -10.86 -20.23 13.01
CA THR B 33 -11.64 -20.57 14.20
C THR B 33 -12.47 -19.40 14.72
N ILE B 34 -12.06 -18.15 14.45
CA ILE B 34 -12.59 -17.04 15.22
C ILE B 34 -14.00 -16.61 14.75
N ASP B 35 -14.30 -16.79 13.47
CA ASP B 35 -15.61 -16.43 12.91
C ASP B 35 -15.96 -17.50 11.88
N SER B 36 -16.75 -18.48 12.30
CA SER B 36 -17.13 -19.58 11.43
C SER B 36 -17.93 -19.10 10.23
N GLN B 37 -18.80 -18.10 10.44
CA GLN B 37 -19.63 -17.60 9.35
C GLN B 37 -18.79 -16.95 8.26
N PHE B 38 -17.84 -16.11 8.66
CA PHE B 38 -16.96 -15.48 7.68
C PHE B 38 -16.12 -16.52 6.95
N TRP B 39 -15.51 -17.45 7.68
CA TRP B 39 -14.62 -18.40 7.03
C TRP B 39 -15.37 -19.33 6.08
N GLY B 40 -16.60 -19.73 6.46
CA GLY B 40 -17.34 -20.63 5.61
C GLY B 40 -17.73 -19.98 4.28
N THR B 41 -18.07 -18.69 4.33
CA THR B 41 -18.54 -18.00 3.13
C THR B 41 -17.39 -17.68 2.17
N TYR B 42 -16.23 -17.30 2.72
CA TYR B 42 -15.20 -16.69 1.90
C TYR B 42 -13.92 -17.48 1.74
N SER B 43 -13.72 -18.56 2.51
CA SER B 43 -12.41 -19.21 2.48
C SER B 43 -12.18 -20.07 1.25
N GLY B 44 -13.24 -20.59 0.64
CA GLY B 44 -13.05 -21.50 -0.49
C GLY B 44 -12.44 -22.82 -0.10
N GLY B 45 -12.40 -23.15 1.18
CA GLY B 45 -11.73 -24.35 1.66
C GLY B 45 -10.32 -24.14 2.17
N ALA B 46 -9.73 -22.96 1.97
CA ALA B 46 -8.37 -22.75 2.42
C ALA B 46 -8.27 -22.79 3.94
N ASP B 47 -7.07 -23.10 4.43
CA ASP B 47 -6.83 -23.12 5.86
C ASP B 47 -6.00 -21.94 6.33
N ASP B 48 -5.75 -20.96 5.47
CA ASP B 48 -4.96 -19.80 5.86
C ASP B 48 -5.51 -18.55 5.17
N GLU B 49 -5.22 -17.39 5.78
CA GLU B 49 -5.61 -16.12 5.17
C GLU B 49 -5.01 -15.98 3.77
N TRP B 50 -3.74 -16.37 3.61
CA TRP B 50 -3.07 -16.38 2.31
C TRP B 50 -3.93 -17.06 1.24
N GLY B 51 -4.34 -18.31 1.51
CA GLY B 51 -5.17 -19.02 0.55
C GLY B 51 -6.55 -18.43 0.38
N LEU B 52 -7.15 -17.91 1.46
CA LEU B 52 -8.43 -17.22 1.38
C LEU B 52 -8.36 -16.06 0.38
N CYS B 53 -7.36 -15.20 0.54
CA CYS B 53 -7.22 -14.04 -0.34
C CYS B 53 -7.00 -14.49 -1.77
N GLU B 54 -6.10 -15.45 -1.96
CA GLU B 54 -5.84 -15.99 -3.29
C GLU B 54 -7.11 -16.55 -3.91
N HIS B 55 -7.91 -17.26 -3.12
CA HIS B 55 -9.18 -17.81 -3.62
C HIS B 55 -10.13 -16.70 -4.05
N LEU B 56 -10.17 -15.59 -3.31
CA LEU B 56 -11.06 -14.51 -3.68
C LEU B 56 -10.55 -13.67 -4.85
N GLY B 57 -9.26 -13.69 -5.14
CA GLY B 57 -8.76 -12.97 -6.32
C GLY B 57 -8.98 -11.48 -6.17
N SER B 58 -9.48 -10.84 -7.23
CA SER B 58 -9.62 -9.38 -7.18
C SER B 58 -10.63 -8.90 -6.14
N ARG B 59 -11.47 -9.79 -5.61
CA ARG B 59 -12.44 -9.38 -4.60
C ARG B 59 -11.90 -9.54 -3.18
N CYS B 60 -10.63 -9.97 -3.02
CA CYS B 60 -10.11 -10.17 -1.67
C CYS B 60 -10.13 -8.86 -0.90
N GLY B 61 -9.62 -7.79 -1.52
CA GLY B 61 -9.58 -6.49 -0.90
C GLY B 61 -10.93 -5.95 -0.48
N PRO B 62 -11.88 -5.84 -1.42
CA PRO B 62 -13.22 -5.36 -1.05
C PRO B 62 -13.83 -6.13 0.11
N VAL B 63 -13.69 -7.46 0.10
CA VAL B 63 -14.27 -8.29 1.16
C VAL B 63 -13.57 -8.00 2.49
N LEU B 64 -12.25 -7.92 2.48
CA LEU B 64 -11.53 -7.68 3.72
C LEU B 64 -11.70 -6.25 4.22
N GLU B 65 -11.82 -5.27 3.32
CA GLU B 65 -12.00 -3.90 3.80
C GLU B 65 -13.36 -3.74 4.47
N HIS B 66 -14.35 -4.49 4.02
CA HIS B 66 -15.64 -4.44 4.70
C HIS B 66 -15.54 -5.07 6.08
N ARG B 67 -14.79 -6.16 6.21
CA ARG B 67 -14.60 -6.80 7.52
C ARG B 67 -13.84 -5.89 8.49
N TYR B 68 -12.79 -5.22 8.00
CA TYR B 68 -12.08 -4.27 8.86
C TYR B 68 -13.01 -3.17 9.37
N ALA B 69 -13.95 -2.71 8.55
CA ALA B 69 -14.82 -1.61 8.94
C ALA B 69 -15.91 -2.04 9.91
N THR B 70 -16.24 -3.34 9.98
CA THR B 70 -17.42 -3.79 10.69
C THR B 70 -17.15 -4.78 11.83
N TYR B 71 -16.07 -5.58 11.74
CA TYR B 71 -15.90 -6.64 12.73
C TYR B 71 -15.55 -6.09 14.10
N ILE B 72 -14.74 -5.04 14.16
CA ILE B 72 -14.43 -4.35 15.40
C ILE B 72 -14.72 -2.86 15.21
N THR B 73 -15.59 -2.31 16.05
CA THR B 73 -15.99 -0.91 15.97
C THR B 73 -15.91 -0.28 17.35
N GLU B 74 -16.19 1.03 17.40
CA GLU B 74 -16.16 1.74 18.67
C GLU B 74 -17.05 1.10 19.71
N ARG B 75 -18.18 0.53 19.30
CA ARG B 75 -19.10 -0.01 20.30
C ARG B 75 -18.51 -1.21 21.03
N ASP B 76 -17.69 -2.01 20.34
CA ASP B 76 -16.97 -3.08 21.01
C ASP B 76 -15.99 -2.53 22.04
N ILE B 77 -15.31 -1.42 21.69
CA ILE B 77 -14.39 -0.80 22.65
C ILE B 77 -15.15 -0.29 23.87
N ASP B 78 -16.34 0.28 23.65
CA ASP B 78 -17.16 0.75 24.76
C ASP B 78 -17.44 -0.39 25.73
N LYS B 79 -17.86 -1.53 25.19
CA LYS B 79 -18.19 -2.67 26.04
C LYS B 79 -16.97 -3.16 26.80
N LEU B 80 -15.80 -3.21 26.15
CA LEU B 80 -14.59 -3.58 26.88
C LEU B 80 -14.32 -2.58 28.01
N ALA B 81 -14.48 -1.28 27.71
CA ALA B 81 -14.24 -0.27 28.72
C ALA B 81 -15.20 -0.42 29.90
N SER B 82 -16.43 -0.92 29.65
CA SER B 82 -17.44 -0.96 30.70
C SER B 82 -17.00 -1.79 31.90
N VAL B 83 -16.12 -2.78 31.70
CA VAL B 83 -15.65 -3.62 32.80
C VAL B 83 -14.19 -3.32 33.15
N GLY B 84 -13.62 -2.25 32.61
CA GLY B 84 -12.32 -1.79 33.07
C GLY B 84 -11.14 -2.28 32.27
N VAL B 85 -11.32 -2.67 31.00
CA VAL B 85 -10.20 -3.11 30.19
C VAL B 85 -9.22 -1.95 30.02
N GLY B 86 -7.93 -2.21 30.24
CA GLY B 86 -6.93 -1.16 30.16
C GLY B 86 -5.85 -1.36 29.11
N VAL B 87 -5.91 -2.44 28.35
CA VAL B 87 -4.93 -2.69 27.29
C VAL B 87 -5.60 -3.46 26.16
N LEU B 88 -5.30 -3.07 24.91
CA LEU B 88 -5.65 -3.83 23.71
C LEU B 88 -4.38 -4.36 23.04
N ARG B 89 -4.33 -5.67 22.82
CA ARG B 89 -3.32 -6.28 21.95
C ARG B 89 -3.96 -6.47 20.57
N ILE B 90 -3.35 -5.88 19.55
CA ILE B 90 -3.95 -5.83 18.22
C ILE B 90 -3.02 -6.52 17.23
N PRO B 91 -3.31 -7.78 16.90
CA PRO B 91 -2.53 -8.47 15.86
C PRO B 91 -2.72 -7.82 14.48
N THR B 92 -1.61 -7.66 13.76
CA THR B 92 -1.65 -7.18 12.38
C THR B 92 -0.78 -8.10 11.52
N THR B 93 -1.10 -8.14 10.22
CA THR B 93 -0.20 -8.82 9.29
C THR B 93 0.89 -7.85 8.84
N TYR B 94 2.01 -8.39 8.35
CA TYR B 94 3.02 -7.50 7.79
C TYR B 94 2.50 -6.72 6.60
N ALA B 95 1.48 -7.26 5.91
CA ALA B 95 0.94 -6.58 4.74
C ALA B 95 0.20 -5.28 5.08
N ALA B 96 -0.13 -5.05 6.35
CA ALA B 96 -0.68 -3.76 6.74
C ALA B 96 0.35 -2.63 6.63
N TRP B 97 1.63 -2.98 6.65
CA TRP B 97 2.74 -2.07 6.84
C TRP B 97 3.64 -1.94 5.62
N ILE B 98 3.78 -2.99 4.82
CA ILE B 98 4.56 -2.96 3.60
C ILE B 98 3.83 -3.78 2.54
N LYS B 99 4.19 -3.50 1.31
CA LYS B 99 3.66 -4.21 0.15
C LYS B 99 4.82 -5.06 -0.37
N LEU B 100 4.83 -6.34 0.03
CA LEU B 100 5.87 -7.33 -0.22
C LEU B 100 5.64 -8.03 -1.54
N PRO B 101 6.59 -7.96 -2.47
CA PRO B 101 6.41 -8.68 -3.75
C PRO B 101 6.32 -10.18 -3.52
N GLY B 102 5.40 -10.81 -4.24
CA GLY B 102 5.17 -12.23 -4.10
C GLY B 102 4.20 -12.63 -3.00
N SER B 103 3.77 -11.69 -2.15
CA SER B 103 2.83 -12.03 -1.08
C SER B 103 1.41 -12.09 -1.60
N GLN B 104 0.64 -13.07 -1.11
CA GLN B 104 -0.78 -13.14 -1.40
C GLN B 104 -1.64 -12.53 -0.29
N LEU B 105 -1.05 -12.09 0.82
CA LEU B 105 -1.80 -11.34 1.81
C LEU B 105 -2.20 -9.98 1.25
N TYR B 106 -3.33 -9.47 1.71
CA TYR B 106 -3.87 -8.21 1.20
C TYR B 106 -3.21 -7.03 1.89
N SER B 107 -2.68 -6.08 1.10
CA SER B 107 -2.20 -4.78 1.59
C SER B 107 -3.25 -3.72 1.27
N GLY B 108 -3.89 -3.22 2.32
CA GLY B 108 -5.00 -2.29 2.17
C GLY B 108 -4.90 -1.16 3.17
N ASN B 109 -6.06 -0.71 3.65
CA ASN B 109 -6.12 0.41 4.57
C ASN B 109 -6.18 -0.03 6.03
N GLN B 110 -5.51 -1.14 6.37
CA GLN B 110 -5.51 -1.65 7.75
C GLN B 110 -5.10 -0.59 8.77
N THR B 111 -4.06 0.21 8.47
CA THR B 111 -3.59 1.14 9.49
C THR B 111 -4.55 2.30 9.71
N ALA B 112 -5.44 2.60 8.76
CA ALA B 112 -6.48 3.59 9.01
C ALA B 112 -7.49 3.09 10.05
N TYR B 113 -7.90 1.83 9.95
CA TYR B 113 -8.82 1.29 10.94
C TYR B 113 -8.10 1.10 12.28
N LEU B 114 -6.82 0.74 12.25
CA LEU B 114 -6.03 0.66 13.48
C LEU B 114 -5.99 2.02 14.18
N LYS B 115 -5.71 3.07 13.42
CA LYS B 115 -5.62 4.40 14.02
C LYS B 115 -6.96 4.86 14.55
N GLN B 116 -8.05 4.62 13.80
CA GLN B 116 -9.36 5.06 14.27
C GLN B 116 -9.73 4.39 15.59
N ILE B 117 -9.50 3.08 15.70
CA ILE B 117 -9.90 2.37 16.91
C ILE B 117 -8.95 2.66 18.08
N ALA B 118 -7.65 2.75 17.82
CA ALA B 118 -6.70 2.97 18.91
C ALA B 118 -6.81 4.39 19.45
N ASP B 119 -6.96 5.39 18.57
CA ASP B 119 -7.19 6.77 19.01
C ASP B 119 -8.38 6.86 19.94
N TYR B 120 -9.48 6.18 19.57
CA TYR B 120 -10.69 6.19 20.38
C TYR B 120 -10.43 5.60 21.76
N ALA B 121 -9.87 4.39 21.80
CA ALA B 121 -9.56 3.71 23.06
C ALA B 121 -8.61 4.53 23.93
N ILE B 122 -7.67 5.26 23.33
CA ILE B 122 -6.71 6.04 24.10
C ILE B 122 -7.34 7.32 24.63
N THR B 123 -7.97 8.09 23.75
CA THR B 123 -8.47 9.39 24.19
C THR B 123 -9.66 9.23 25.12
N LYS B 124 -10.60 8.34 24.80
CA LYS B 124 -11.78 8.20 25.64
C LYS B 124 -11.49 7.40 26.91
N TYR B 125 -10.79 6.28 26.80
CA TYR B 125 -10.71 5.36 27.92
C TYR B 125 -9.31 5.14 28.50
N GLY B 126 -8.27 5.75 27.92
CA GLY B 126 -6.95 5.67 28.51
C GLY B 126 -6.22 4.36 28.35
N MET B 127 -6.65 3.50 27.42
CA MET B 127 -6.04 2.19 27.26
C MET B 127 -4.65 2.28 26.63
N HIS B 128 -3.80 1.32 26.98
CA HIS B 128 -2.51 1.07 26.33
C HIS B 128 -2.76 0.17 25.12
N ILE B 129 -1.96 0.37 24.06
CA ILE B 129 -2.10 -0.39 22.82
C ILE B 129 -0.81 -1.16 22.59
N ILE B 130 -0.91 -2.48 22.46
CA ILE B 130 0.20 -3.32 21.98
C ILE B 130 -0.01 -3.52 20.48
N VAL B 131 0.87 -2.95 19.66
CA VAL B 131 0.83 -3.18 18.22
C VAL B 131 1.64 -4.45 17.95
N ASP B 132 0.97 -5.49 17.48
CA ASP B 132 1.57 -6.81 17.31
C ASP B 132 1.72 -7.10 15.82
N VAL B 133 2.95 -7.36 15.37
CA VAL B 133 3.22 -7.79 14.01
C VAL B 133 3.20 -9.31 14.02
N HIS B 134 2.06 -9.89 13.65
CA HIS B 134 1.81 -11.31 13.84
C HIS B 134 2.63 -12.17 12.88
N SER B 135 2.75 -11.72 11.61
CA SER B 135 3.45 -12.42 10.56
C SER B 135 4.63 -11.60 10.07
N LEU B 136 5.61 -12.27 9.48
CA LEU B 136 6.77 -11.58 8.90
C LEU B 136 7.06 -12.16 7.51
N PRO B 137 7.64 -11.36 6.62
CA PRO B 137 7.92 -11.87 5.26
C PRO B 137 8.62 -13.22 5.23
N GLY B 138 8.05 -14.15 4.45
CA GLY B 138 8.55 -15.50 4.33
C GLY B 138 7.94 -16.51 5.29
N GLY B 139 7.33 -16.06 6.37
CA GLY B 139 6.71 -16.98 7.30
C GLY B 139 7.63 -17.43 8.42
N THR B 140 7.14 -17.37 9.66
CA THR B 140 7.96 -17.60 10.84
C THR B 140 7.61 -18.87 11.63
N ASN B 141 6.55 -19.62 11.26
CA ASN B 141 6.15 -20.77 12.06
C ASN B 141 5.39 -21.84 11.29
N GLY B 142 5.37 -21.78 9.96
CA GLY B 142 4.64 -22.72 9.13
C GLY B 142 3.13 -22.65 9.26
N LEU B 143 2.59 -21.67 9.97
CA LEU B 143 1.17 -21.55 10.25
C LEU B 143 0.63 -20.28 9.59
N THR B 144 -0.71 -20.22 9.44
CA THR B 144 -1.32 -19.06 8.81
C THR B 144 -0.92 -17.77 9.50
N ILE B 145 -0.80 -17.79 10.83
CA ILE B 145 -0.49 -16.62 11.63
C ILE B 145 0.92 -16.06 11.37
N GLY B 146 1.85 -16.87 10.88
CA GLY B 146 3.23 -16.43 10.66
C GLY B 146 3.48 -15.89 9.26
N GLU B 147 2.55 -16.21 8.34
CA GLU B 147 2.40 -15.68 6.98
C GLU B 147 1.44 -16.56 6.19
N ALA B 148 1.70 -17.87 6.19
CA ALA B 148 0.89 -18.81 5.41
C ALA B 148 1.24 -20.22 5.86
N SER B 149 0.27 -21.12 5.69
CA SER B 149 0.50 -22.52 6.03
C SER B 149 1.68 -23.07 5.25
N GLY B 150 2.61 -23.73 5.95
CA GLY B 150 3.78 -24.30 5.31
C GLY B 150 4.93 -23.34 5.04
N HIS B 151 4.83 -22.11 5.50
CA HIS B 151 5.81 -21.07 5.22
C HIS B 151 6.75 -20.92 6.40
N TRP B 152 8.04 -21.27 6.18
CA TRP B 152 9.13 -21.05 7.13
C TRP B 152 10.29 -20.27 6.48
N GLY B 153 10.03 -19.51 5.42
CA GLY B 153 11.07 -18.84 4.65
C GLY B 153 11.75 -17.68 5.36
N TRP B 154 11.23 -17.22 6.51
CA TRP B 154 11.81 -16.04 7.15
C TRP B 154 13.23 -16.29 7.68
N TYR B 155 13.52 -17.53 8.11
CA TYR B 155 14.76 -17.82 8.81
C TYR B 155 15.97 -17.76 7.87
N TYR B 156 17.05 -17.13 8.34
CA TYR B 156 18.33 -17.10 7.61
C TYR B 156 18.14 -16.60 6.18
N ASN B 157 17.33 -15.55 6.05
CA ASN B 157 16.92 -15.00 4.77
C ASN B 157 17.13 -13.50 4.88
N GLU B 158 18.19 -13.00 4.24
CA GLU B 158 18.57 -11.59 4.36
C GLU B 158 17.52 -10.69 3.70
N THR B 159 16.94 -11.14 2.60
CA THR B 159 15.85 -10.38 1.98
C THR B 159 14.66 -10.22 2.93
N ALA B 160 14.21 -11.33 3.52
CA ALA B 160 13.09 -11.25 4.47
C ALA B 160 13.46 -10.43 5.70
N PHE B 161 14.72 -10.51 6.14
CA PHE B 161 15.16 -9.71 7.28
C PHE B 161 15.09 -8.22 6.97
N ASP B 162 15.68 -7.81 5.85
CA ASP B 162 15.57 -6.41 5.40
C ASP B 162 14.11 -5.98 5.36
N TYR B 163 13.25 -6.76 4.73
CA TYR B 163 11.84 -6.39 4.65
C TYR B 163 11.22 -6.30 6.04
N SER B 164 11.64 -7.17 6.96
CA SER B 164 11.12 -7.12 8.32
C SER B 164 11.46 -5.80 9.01
N MET B 165 12.71 -5.37 8.89
CA MET B 165 13.09 -4.09 9.50
C MET B 165 12.36 -2.92 8.86
N GLN B 166 12.03 -3.01 7.57
CA GLN B 166 11.18 -1.97 6.96
C GLN B 166 9.80 -1.94 7.58
N VAL B 167 9.25 -3.12 7.93
CA VAL B 167 7.97 -3.18 8.65
C VAL B 167 8.07 -2.44 9.97
N ILE B 168 9.12 -2.72 10.74
CA ILE B 168 9.30 -2.06 12.05
C ILE B 168 9.50 -0.56 11.88
N ASP B 169 10.23 -0.14 10.83
CA ASP B 169 10.31 1.30 10.54
C ASP B 169 8.93 1.91 10.39
N ALA B 170 8.05 1.26 9.63
CA ALA B 170 6.68 1.76 9.45
C ALA B 170 5.92 1.79 10.78
N VAL B 171 6.09 0.78 11.63
CA VAL B 171 5.39 0.76 12.91
C VAL B 171 5.92 1.89 13.79
N ILE B 172 7.24 2.11 13.80
CA ILE B 172 7.82 3.19 14.59
C ILE B 172 7.25 4.53 14.15
N SER B 173 7.16 4.76 12.83
CA SER B 173 6.61 6.03 12.33
C SER B 173 5.16 6.20 12.74
N PHE B 174 4.34 5.13 12.60
CA PHE B 174 2.96 5.17 13.06
C PHE B 174 2.86 5.63 14.51
N VAL B 175 3.65 5.01 15.40
CA VAL B 175 3.64 5.39 16.81
C VAL B 175 4.10 6.82 16.98
N GLN B 176 5.18 7.22 16.29
CA GLN B 176 5.75 8.55 16.46
C GLN B 176 4.80 9.65 16.00
N ASN B 177 4.01 9.38 14.95
CA ASN B 177 3.12 10.37 14.38
C ASN B 177 1.67 10.18 14.83
N SER B 178 1.46 9.42 15.91
CA SER B 178 0.13 9.05 16.37
C SER B 178 -0.58 10.14 17.15
N GLY B 179 0.14 11.17 17.59
CA GLY B 179 -0.40 12.09 18.55
C GLY B 179 -0.37 11.61 19.99
N SER B 180 0.09 10.39 20.24
CA SER B 180 0.22 9.87 21.60
C SER B 180 1.25 8.74 21.66
N PRO B 181 2.52 9.01 21.37
CA PRO B 181 3.50 7.91 21.30
C PRO B 181 3.67 7.16 22.62
N GLN B 182 3.34 7.79 23.75
CA GLN B 182 3.40 7.13 25.07
C GLN B 182 2.35 6.05 25.25
N SER B 183 1.47 5.82 24.28
CA SER B 183 0.35 4.90 24.42
C SER B 183 0.64 3.51 23.85
N TYR B 184 1.81 3.28 23.28
CA TYR B 184 2.04 2.11 22.44
C TYR B 184 3.26 1.32 22.85
N THR B 185 3.11 -0.01 22.88
CA THR B 185 4.21 -0.96 22.94
C THR B 185 4.32 -1.69 21.59
N ILE B 186 5.55 -1.86 21.11
CA ILE B 186 5.77 -2.46 19.79
C ILE B 186 6.20 -3.91 19.98
N GLU B 187 5.42 -4.84 19.41
CA GLU B 187 5.72 -6.27 19.47
C GLU B 187 6.06 -6.77 18.06
N PRO B 188 7.34 -6.99 17.74
CA PRO B 188 7.75 -7.14 16.34
C PRO B 188 7.64 -8.55 15.76
N MET B 189 7.15 -9.54 16.51
CA MET B 189 6.93 -10.88 15.97
C MET B 189 6.03 -11.65 16.93
N ASN B 190 5.54 -12.80 16.48
CA ASN B 190 4.63 -13.64 17.25
C ASN B 190 4.90 -15.11 17.00
N GLU B 191 5.12 -15.85 18.09
CA GLU B 191 5.26 -17.31 18.06
C GLU B 191 6.16 -17.89 16.96
N PRO B 192 7.41 -17.44 16.89
CA PRO B 192 8.33 -18.06 15.92
C PRO B 192 8.69 -19.50 16.30
N THR B 193 8.50 -20.42 15.36
CA THR B 193 8.94 -21.81 15.53
C THR B 193 9.52 -22.33 14.21
N ASP B 194 10.53 -23.21 14.29
CA ASP B 194 11.06 -23.81 13.08
C ASP B 194 10.99 -25.34 13.05
N ASN B 195 10.41 -25.96 14.08
CA ASN B 195 10.22 -27.40 14.12
C ASN B 195 8.88 -27.75 13.47
N PRO B 196 8.87 -28.52 12.38
CA PRO B 196 7.59 -28.86 11.73
C PRO B 196 6.79 -29.93 12.44
N ASP B 197 7.28 -30.46 13.56
CA ASP B 197 6.54 -31.49 14.30
C ASP B 197 5.46 -30.79 15.11
N MET B 198 4.23 -30.80 14.59
CA MET B 198 3.15 -30.05 15.23
C MET B 198 2.86 -30.54 16.65
N SER B 199 3.29 -31.77 16.97
CA SER B 199 3.01 -32.31 18.30
C SER B 199 3.68 -31.49 19.40
N VAL B 200 4.84 -30.89 19.09
CA VAL B 200 5.60 -30.18 20.11
C VAL B 200 5.38 -28.68 20.05
N PHE B 201 4.40 -28.21 19.27
CA PHE B 201 4.07 -26.79 19.27
C PHE B 201 3.64 -26.37 20.68
N GLY B 202 3.94 -25.13 21.02
CA GLY B 202 3.65 -24.64 22.35
C GLY B 202 4.67 -25.02 23.39
N THR B 203 5.76 -25.69 23.02
CA THR B 203 6.78 -26.16 23.94
C THR B 203 8.13 -25.66 23.49
N PRO B 204 9.13 -25.67 24.38
CA PRO B 204 10.45 -25.14 24.00
C PRO B 204 11.07 -25.84 22.81
N ALA B 205 10.82 -27.14 22.63
CA ALA B 205 11.45 -27.86 21.52
C ALA B 205 10.93 -27.40 20.16
N ALA B 206 9.88 -26.58 20.13
CA ALA B 206 9.33 -26.11 18.86
C ALA B 206 10.26 -25.15 18.14
N LEU B 207 11.33 -24.69 18.78
CA LEU B 207 12.29 -23.77 18.17
C LEU B 207 13.69 -24.31 18.41
N SER B 208 14.42 -24.58 17.32
CA SER B 208 15.78 -25.09 17.43
C SER B 208 16.73 -24.00 17.94
N ASP B 209 17.90 -24.44 18.40
CA ASP B 209 18.93 -23.48 18.79
C ASP B 209 19.39 -22.65 17.59
N ARG B 210 19.51 -23.28 16.41
CA ARG B 210 19.84 -22.49 15.22
C ARG B 210 18.74 -21.48 14.92
N GLY B 211 17.48 -21.86 15.15
CA GLY B 211 16.40 -20.93 14.92
C GLY B 211 16.40 -19.79 15.92
N ALA B 212 16.70 -20.10 17.18
CA ALA B 212 16.78 -19.07 18.21
C ALA B 212 17.90 -18.07 17.95
N THR B 213 19.00 -18.49 17.31
CA THR B 213 20.05 -17.54 16.98
C THR B 213 19.55 -16.47 16.02
N TRP B 214 18.71 -16.86 15.05
CA TRP B 214 18.18 -15.88 14.11
C TRP B 214 17.10 -15.01 14.75
N VAL B 215 16.28 -15.59 15.62
CA VAL B 215 15.32 -14.78 16.39
C VAL B 215 16.06 -13.74 17.22
N LEU B 216 17.17 -14.14 17.87
CA LEU B 216 17.90 -13.19 18.70
C LEU B 216 18.48 -12.05 17.86
N LYS B 217 19.06 -12.38 16.70
CA LYS B 217 19.55 -11.34 15.80
C LYS B 217 18.47 -10.32 15.48
N TYR B 218 17.23 -10.81 15.20
CA TYR B 218 16.12 -9.91 14.91
C TYR B 218 15.80 -9.02 16.10
N ILE B 219 15.64 -9.61 17.30
CA ILE B 219 15.16 -8.81 18.41
C ILE B 219 16.21 -7.78 18.83
N ARG B 220 17.49 -8.12 18.74
CA ARG B 220 18.50 -7.11 19.05
C ARG B 220 18.49 -5.99 18.01
N ALA B 221 18.26 -6.32 16.73
CA ALA B 221 18.18 -5.26 15.73
C ALA B 221 16.97 -4.37 15.98
N VAL B 222 15.84 -4.97 16.37
CA VAL B 222 14.63 -4.18 16.62
C VAL B 222 14.81 -3.29 17.85
N ILE B 223 15.37 -3.85 18.93
CA ILE B 223 15.62 -3.05 20.13
C ILE B 223 16.45 -1.82 19.79
N ASP B 224 17.54 -2.02 19.04
CA ASP B 224 18.40 -0.88 18.69
C ASP B 224 17.69 0.10 17.76
N ARG B 225 16.93 -0.40 16.80
CA ARG B 225 16.27 0.49 15.85
C ARG B 225 15.20 1.35 16.54
N VAL B 226 14.33 0.74 17.34
CA VAL B 226 13.33 1.50 18.09
C VAL B 226 14.02 2.55 18.97
N ALA B 227 15.03 2.12 19.70
CA ALA B 227 15.68 3.02 20.66
C ALA B 227 16.40 4.17 19.95
N SER B 228 16.89 3.96 18.73
CA SER B 228 17.56 5.04 18.01
C SER B 228 16.60 6.16 17.62
N VAL B 229 15.30 5.86 17.49
CA VAL B 229 14.30 6.88 17.24
C VAL B 229 13.69 7.41 18.54
N ASN B 230 13.28 6.52 19.42
CA ASN B 230 12.60 6.92 20.65
C ASN B 230 12.89 5.87 21.71
N PRO B 231 13.86 6.10 22.60
CA PRO B 231 14.20 5.10 23.60
C PRO B 231 13.09 4.83 24.61
N ASN B 232 12.03 5.61 24.63
CA ASN B 232 11.00 5.41 25.64
C ASN B 232 9.87 4.48 25.18
N ILE B 233 9.87 4.07 23.92
CA ILE B 233 8.88 3.12 23.39
C ILE B 233 9.29 1.69 23.79
N PRO B 234 8.46 0.96 24.55
CA PRO B 234 8.84 -0.41 24.92
C PRO B 234 8.70 -1.39 23.76
N VAL B 235 9.55 -2.41 23.79
CA VAL B 235 9.54 -3.50 22.82
C VAL B 235 9.08 -4.75 23.56
N MET B 236 8.09 -5.45 23.01
CA MET B 236 7.56 -6.67 23.60
C MET B 236 8.03 -7.87 22.78
N PHE B 237 8.82 -8.74 23.42
CA PHE B 237 9.47 -9.88 22.78
C PHE B 237 8.67 -11.15 23.10
N GLN B 238 8.02 -11.71 22.07
CA GLN B 238 7.32 -12.98 22.19
C GLN B 238 8.34 -14.06 21.90
N GLY B 239 8.95 -14.61 22.95
CA GLY B 239 10.14 -15.42 22.80
C GLY B 239 9.85 -16.88 22.52
N SER B 240 8.95 -17.12 21.57
CA SER B 240 8.50 -18.48 21.21
C SER B 240 7.96 -19.13 22.48
N PHE B 241 8.31 -20.39 22.77
CA PHE B 241 7.80 -21.06 23.95
C PHE B 241 8.89 -21.46 24.91
N LYS B 242 9.98 -20.68 24.95
CA LYS B 242 11.07 -20.72 25.91
C LYS B 242 10.73 -19.87 27.12
N PRO B 243 11.25 -20.21 28.30
CA PRO B 243 11.11 -19.31 29.44
C PRO B 243 11.91 -18.04 29.23
N GLU B 244 11.48 -16.97 29.89
CA GLU B 244 12.24 -15.73 29.86
C GLU B 244 13.72 -15.93 30.22
N GLN B 245 14.01 -16.90 31.11
CA GLN B 245 15.39 -17.16 31.52
C GLN B 245 16.25 -17.69 30.38
N TYR B 246 15.65 -18.35 29.39
CA TYR B 246 16.40 -18.80 28.22
C TYR B 246 16.97 -17.62 27.43
N TRP B 247 16.25 -16.50 27.39
CA TRP B 247 16.65 -15.38 26.57
C TRP B 247 17.46 -14.32 27.34
N SER B 248 17.29 -14.26 28.67
CA SER B 248 17.65 -13.04 29.39
C SER B 248 19.16 -12.84 29.53
N ASN B 249 19.96 -13.90 29.54
CA ASN B 249 21.40 -13.68 29.57
C ASN B 249 21.99 -13.46 28.19
N GLN B 250 21.16 -13.39 27.14
CA GLN B 250 21.61 -13.05 25.80
C GLN B 250 21.36 -11.60 25.46
N LEU B 251 20.75 -10.83 26.36
CA LEU B 251 20.32 -9.47 26.10
C LEU B 251 20.87 -8.52 27.16
N PRO B 252 21.41 -7.36 26.77
CA PRO B 252 21.92 -6.41 27.77
C PRO B 252 20.81 -5.92 28.69
N ALA B 253 21.21 -5.58 29.92
CA ALA B 253 20.28 -5.29 31.00
C ALA B 253 19.41 -4.07 30.73
N ASP B 254 19.93 -3.05 30.04
CA ASP B 254 19.22 -1.78 30.00
C ASP B 254 18.19 -1.69 28.86
N ALA B 255 17.98 -2.76 28.10
CA ALA B 255 17.01 -2.72 27.03
C ALA B 255 15.61 -2.48 27.59
N ASN B 256 14.85 -1.61 26.93
CA ASN B 256 13.46 -1.29 27.32
C ASN B 256 12.56 -2.41 26.81
N LEU B 257 12.51 -3.50 27.58
CA LEU B 257 12.06 -4.78 27.04
C LEU B 257 11.12 -5.49 28.00
N VAL B 258 10.01 -6.01 27.47
CA VAL B 258 9.08 -6.86 28.22
C VAL B 258 8.83 -8.12 27.41
N PHE B 259 8.70 -9.26 28.09
CA PHE B 259 8.44 -10.54 27.45
C PHE B 259 6.95 -10.82 27.41
N ASP B 260 6.49 -11.42 26.31
CA ASP B 260 5.10 -11.83 26.11
C ASP B 260 5.05 -13.35 26.11
N VAL B 261 4.39 -13.94 27.10
CA VAL B 261 4.25 -15.39 27.19
C VAL B 261 2.79 -15.76 26.90
N HIS B 262 2.59 -16.89 26.24
CA HIS B 262 1.26 -17.39 25.91
C HIS B 262 0.98 -18.70 26.64
N THR B 263 -0.22 -18.83 27.21
CA THR B 263 -0.53 -19.98 28.05
C THR B 263 -1.92 -20.52 27.70
N TYR B 264 -1.96 -21.75 27.19
CA TYR B 264 -3.18 -22.38 26.73
C TYR B 264 -3.30 -23.79 27.34
N TYR B 265 -4.55 -24.29 27.37
CA TYR B 265 -4.91 -25.54 28.03
C TYR B 265 -5.75 -26.48 27.18
N PHE B 266 -6.04 -26.15 25.93
CA PHE B 266 -6.97 -26.98 25.16
C PHE B 266 -6.33 -28.27 24.67
N GLU B 267 -5.02 -28.42 24.82
CA GLU B 267 -4.32 -29.66 24.48
C GLU B 267 -3.66 -30.26 25.70
N ARG B 268 -3.89 -29.68 26.87
CA ARG B 268 -3.23 -30.08 28.10
C ARG B 268 -4.14 -31.00 28.90
N ASN B 269 -3.53 -31.96 29.59
CA ASN B 269 -4.25 -32.98 30.35
C ASN B 269 -4.78 -32.34 31.65
N VAL B 270 -5.92 -31.66 31.52
CA VAL B 270 -6.52 -30.93 32.62
C VAL B 270 -8.02 -30.81 32.35
N THR B 271 -8.81 -30.62 33.40
CA THR B 271 -10.26 -30.45 33.31
C THR B 271 -10.67 -29.07 33.85
N SER B 272 -11.91 -28.68 33.57
CA SER B 272 -12.41 -27.42 34.15
C SER B 272 -12.35 -27.45 35.68
N GLU B 273 -12.53 -28.62 36.29
CA GLU B 273 -12.50 -28.74 37.74
C GLU B 273 -11.13 -28.40 38.30
N THR B 274 -10.07 -28.90 37.68
CA THR B 274 -8.72 -28.76 38.20
C THR B 274 -7.92 -27.64 37.54
N LEU B 275 -8.56 -26.87 36.65
CA LEU B 275 -7.87 -25.79 35.96
C LEU B 275 -7.30 -24.70 36.87
N PRO B 276 -7.93 -24.31 37.98
CA PRO B 276 -7.33 -23.21 38.78
C PRO B 276 -5.91 -23.52 39.27
N ALA B 277 -5.67 -24.74 39.77
CA ALA B 277 -4.32 -25.09 40.22
C ALA B 277 -3.31 -25.04 39.08
N ARG B 278 -3.74 -25.34 37.85
CA ARG B 278 -2.84 -25.31 36.71
C ARG B 278 -2.54 -23.88 36.27
N LEU B 279 -3.53 -23.00 36.36
CA LEU B 279 -3.31 -21.58 36.11
C LEU B 279 -2.26 -21.02 37.05
N TYR B 280 -2.37 -21.34 38.34
CA TYR B 280 -1.42 -20.82 39.32
C TYR B 280 -0.03 -21.42 39.11
N ALA B 281 0.04 -22.71 38.83
CA ALA B 281 1.35 -23.33 38.62
C ALA B 281 2.07 -22.72 37.43
N ASP B 282 1.35 -22.52 36.32
CA ASP B 282 1.99 -21.95 35.13
C ASP B 282 2.42 -20.50 35.36
N ALA B 283 1.58 -19.69 35.99
CA ALA B 283 1.96 -18.30 36.21
C ALA B 283 3.21 -18.24 37.08
N GLN B 284 3.29 -19.12 38.09
CA GLN B 284 4.44 -19.21 38.97
C GLN B 284 5.70 -19.57 38.20
N SER B 285 5.60 -20.54 37.29
CA SER B 285 6.76 -21.02 36.55
C SER B 285 7.24 -20.02 35.50
N LYS B 286 6.33 -19.21 34.97
CA LYS B 286 6.68 -18.26 33.91
C LYS B 286 7.05 -16.87 34.43
N ALA B 287 7.15 -16.71 35.75
CA ALA B 287 7.39 -15.39 36.32
C ALA B 287 8.75 -14.81 35.93
N GLY B 288 9.74 -15.65 35.60
CA GLY B 288 11.03 -15.16 35.13
C GLY B 288 12.04 -14.91 36.24
N ASP B 289 13.22 -14.43 35.82
CA ASP B 289 14.30 -14.18 36.77
C ASP B 289 14.37 -12.73 37.24
N GLY B 290 13.35 -11.93 36.92
CA GLY B 290 13.32 -10.53 37.29
C GLY B 290 14.27 -9.61 36.53
N LYS B 291 15.12 -10.14 35.66
CA LYS B 291 15.93 -9.24 34.84
C LYS B 291 15.07 -8.44 33.87
N PHE B 292 13.99 -9.03 33.37
CA PHE B 292 13.07 -8.36 32.46
C PHE B 292 11.65 -8.75 32.89
N PRO B 293 10.68 -7.84 32.80
CA PRO B 293 9.31 -8.19 33.17
C PRO B 293 8.62 -9.05 32.13
N VAL B 294 7.53 -9.69 32.59
CA VAL B 294 6.78 -10.70 31.85
C VAL B 294 5.31 -10.29 31.83
N PHE B 295 4.67 -10.41 30.66
CA PHE B 295 3.26 -10.12 30.42
C PHE B 295 2.64 -11.33 29.72
N THR B 296 1.40 -11.68 30.08
CA THR B 296 0.78 -12.85 29.48
C THR B 296 -0.13 -12.38 28.34
N GLY B 297 0.42 -12.31 27.12
CA GLY B 297 -0.27 -11.69 26.00
C GLY B 297 -1.41 -12.49 25.37
N GLU B 298 -1.47 -13.80 25.63
CA GLU B 298 -2.56 -14.64 25.12
C GLU B 298 -2.82 -15.76 26.13
N TRP B 299 -4.10 -16.05 26.41
CA TRP B 299 -4.50 -17.23 27.18
C TRP B 299 -6.01 -17.46 26.99
N ALA B 300 -6.47 -18.65 27.37
CA ALA B 300 -7.89 -18.98 27.29
C ALA B 300 -8.21 -20.15 28.21
N ILE B 301 -9.50 -20.35 28.53
CA ILE B 301 -9.89 -21.31 29.59
C ILE B 301 -10.37 -22.66 29.06
N GLN B 302 -10.38 -22.91 27.76
CA GLN B 302 -10.77 -24.23 27.30
C GLN B 302 -9.73 -25.27 27.71
N THR B 303 -10.17 -26.37 28.30
CA THR B 303 -9.33 -27.49 28.65
C THR B 303 -9.52 -28.61 27.63
N LEU B 304 -8.55 -29.53 27.58
CA LEU B 304 -8.69 -30.68 26.69
C LEU B 304 -9.88 -31.55 27.09
N TYR B 305 -10.07 -31.78 28.39
CA TYR B 305 -11.05 -32.72 28.89
C TYR B 305 -12.11 -32.02 29.75
N GLN B 306 -13.35 -32.49 29.62
CA GLN B 306 -14.44 -32.20 30.56
C GLN B 306 -14.59 -30.70 30.80
N ASN B 307 -14.91 -29.98 29.74
CA ASN B 307 -15.25 -28.57 29.87
C ASN B 307 -16.60 -28.38 30.53
N SER B 308 -16.72 -27.33 31.34
CA SER B 308 -17.89 -27.10 32.20
C SER B 308 -18.37 -25.67 32.02
N PHE B 309 -19.63 -25.52 31.60
CA PHE B 309 -20.27 -24.19 31.57
C PHE B 309 -20.18 -23.50 32.92
N ALA B 310 -20.56 -24.21 33.99
CA ALA B 310 -20.77 -23.59 35.30
C ALA B 310 -19.49 -22.96 35.83
N LEU B 311 -18.35 -23.59 35.58
CA LEU B 311 -17.10 -23.14 36.19
C LEU B 311 -16.36 -22.09 35.37
N ARG B 312 -16.95 -21.61 34.25
CA ARG B 312 -16.28 -20.59 33.45
C ARG B 312 -15.98 -19.33 34.25
N GLU B 313 -16.95 -18.84 35.04
CA GLU B 313 -16.74 -17.60 35.80
C GLU B 313 -15.59 -17.74 36.79
N ARG B 314 -15.58 -18.81 37.59
CA ARG B 314 -14.51 -19.01 38.55
C ARG B 314 -13.16 -19.16 37.85
N ASN B 315 -13.15 -19.85 36.69
CA ASN B 315 -11.89 -20.16 36.03
C ASN B 315 -11.30 -18.94 35.31
N VAL B 316 -12.12 -18.15 34.60
CA VAL B 316 -11.53 -16.96 33.98
C VAL B 316 -11.00 -16.02 35.05
N ASN B 317 -11.65 -15.98 36.23
CA ASN B 317 -11.21 -15.06 37.28
C ASN B 317 -9.98 -15.59 38.02
N ALA B 318 -9.87 -16.91 38.19
CA ALA B 318 -8.65 -17.50 38.72
C ALA B 318 -7.46 -17.16 37.83
N GLY B 319 -7.65 -17.19 36.50
CA GLY B 319 -6.56 -16.88 35.61
C GLY B 319 -6.17 -15.42 35.65
N LEU B 320 -7.16 -14.52 35.67
CA LEU B 320 -6.85 -13.10 35.78
C LEU B 320 -6.07 -12.83 37.07
N ASP B 321 -6.48 -13.46 38.17
CA ASP B 321 -5.77 -13.34 39.46
C ASP B 321 -4.34 -13.84 39.35
N ALA B 322 -4.16 -15.06 38.84
CA ALA B 322 -2.81 -15.64 38.77
C ALA B 322 -1.88 -14.81 37.89
N MET B 323 -2.35 -14.39 36.72
CA MET B 323 -1.44 -13.67 35.84
C MET B 323 -1.16 -12.28 36.37
N TYR B 324 -2.08 -11.68 37.11
CA TYR B 324 -1.81 -10.37 37.69
C TYR B 324 -0.84 -10.47 38.85
N LYS B 325 -0.85 -11.58 39.58
CA LYS B 325 -0.01 -11.66 40.77
C LYS B 325 1.43 -11.97 40.42
N TYR B 326 1.66 -12.84 39.44
CA TYR B 326 3.00 -13.29 39.10
C TYR B 326 3.65 -12.53 37.95
N SER B 327 2.89 -11.72 37.21
CA SER B 327 3.37 -11.07 36.00
C SER B 327 2.76 -9.66 35.91
N GLN B 328 2.83 -9.05 34.73
CA GLN B 328 2.36 -7.68 34.60
C GLN B 328 0.90 -7.60 34.13
N GLY B 329 0.18 -8.74 34.06
CA GLY B 329 -1.19 -8.75 33.59
C GLY B 329 -1.37 -9.73 32.44
N SER B 330 -2.48 -9.57 31.70
CA SER B 330 -2.83 -10.53 30.66
C SER B 330 -3.82 -9.92 29.66
N CYS B 331 -3.83 -10.51 28.46
CA CYS B 331 -4.80 -10.21 27.40
C CYS B 331 -5.44 -11.52 26.96
N TYR B 332 -6.76 -11.61 27.11
CA TYR B 332 -7.50 -12.83 26.77
C TYR B 332 -7.62 -12.99 25.26
N TRP B 333 -7.60 -14.23 24.80
CA TRP B 333 -7.86 -14.56 23.40
C TRP B 333 -9.25 -15.19 23.33
N THR B 334 -10.23 -14.46 22.79
CA THR B 334 -10.07 -13.16 22.14
C THR B 334 -11.36 -12.36 22.44
N ALA B 335 -11.42 -11.11 21.98
CA ALA B 335 -12.53 -10.22 22.33
C ALA B 335 -13.87 -10.82 21.89
N LYS B 336 -13.93 -11.31 20.65
CA LYS B 336 -15.15 -11.88 20.07
C LYS B 336 -14.83 -13.19 19.36
N PHE B 337 -15.69 -14.19 19.53
CA PHE B 337 -15.38 -15.52 19.01
C PHE B 337 -16.68 -16.26 18.78
N SER B 338 -16.86 -16.81 17.57
CA SER B 338 -18.09 -17.53 17.25
C SER B 338 -17.84 -18.88 16.61
N GLY B 339 -16.60 -19.35 16.57
CA GLY B 339 -16.35 -20.68 16.04
C GLY B 339 -17.10 -21.75 16.82
N ASN B 340 -17.62 -22.74 16.10
CA ASN B 340 -18.53 -23.72 16.68
C ASN B 340 -17.97 -25.14 16.73
N ALA B 341 -16.65 -25.30 16.69
CA ALA B 341 -16.08 -26.63 16.87
C ALA B 341 -16.44 -27.15 18.26
N THR B 342 -16.79 -28.43 18.34
CA THR B 342 -17.19 -29.01 19.62
C THR B 342 -15.98 -29.22 20.51
N VAL B 343 -16.20 -29.17 21.81
CA VAL B 343 -15.16 -29.45 22.80
C VAL B 343 -15.56 -30.71 23.56
N ASN B 344 -14.61 -31.25 24.30
CA ASN B 344 -14.89 -32.35 25.21
C ASN B 344 -15.63 -31.80 26.43
N GLY B 345 -16.75 -32.43 26.78
CA GLY B 345 -17.59 -31.89 27.82
C GLY B 345 -18.71 -31.07 27.21
N GLN B 346 -19.00 -29.91 27.80
CA GLN B 346 -20.18 -29.14 27.45
C GLN B 346 -19.87 -28.07 26.40
N GLY B 347 -20.71 -28.02 25.35
CA GLY B 347 -20.73 -26.86 24.46
C GLY B 347 -19.70 -26.89 23.34
N THR B 348 -19.43 -25.71 22.81
CA THR B 348 -18.50 -25.53 21.69
C THR B 348 -17.39 -24.56 22.11
N GLN B 349 -16.42 -24.36 21.21
CA GLN B 349 -15.36 -23.40 21.48
C GLN B 349 -15.91 -22.00 21.72
N ALA B 350 -16.98 -21.62 21.01
CA ALA B 350 -17.60 -20.31 21.19
C ALA B 350 -18.00 -20.06 22.64
N ASP B 351 -18.22 -21.12 23.42
CA ASP B 351 -18.62 -20.98 24.81
C ASP B 351 -17.47 -20.66 25.75
N TYR B 352 -16.21 -20.80 25.31
CA TYR B 352 -15.03 -20.63 26.16
C TYR B 352 -14.00 -19.62 25.66
N TRP B 353 -14.01 -19.28 24.37
CA TRP B 353 -13.05 -18.35 23.79
C TRP B 353 -13.62 -16.96 23.55
N ASN B 354 -14.90 -16.73 23.86
CA ASN B 354 -15.61 -15.49 23.51
C ASN B 354 -15.65 -14.60 24.75
N PHE B 355 -14.74 -13.62 24.83
CA PHE B 355 -14.68 -12.79 26.04
C PHE B 355 -15.94 -11.95 26.23
N GLU B 356 -16.59 -11.54 25.12
CA GLU B 356 -17.83 -10.76 25.22
C GLU B 356 -18.92 -11.46 26.04
N TYR B 357 -18.99 -12.80 25.99
CA TYR B 357 -19.97 -13.52 26.80
C TYR B 357 -19.70 -13.33 28.29
N PHE B 358 -18.42 -13.39 28.69
CA PHE B 358 -18.07 -13.19 30.10
C PHE B 358 -18.51 -11.80 30.55
N ILE B 359 -18.32 -10.79 29.70
CA ILE B 359 -18.72 -9.43 30.03
C ILE B 359 -20.23 -9.33 30.16
N ASP B 360 -20.95 -9.89 29.19
CA ASP B 360 -22.40 -9.74 29.13
C ASP B 360 -23.09 -10.48 30.28
N HIS B 361 -22.43 -11.48 30.86
CA HIS B 361 -23.03 -12.24 31.95
C HIS B 361 -22.40 -11.92 33.30
N GLY B 362 -21.66 -10.80 33.38
CA GLY B 362 -21.25 -10.24 34.66
C GLY B 362 -20.09 -10.92 35.34
N TYR B 363 -19.29 -11.71 34.62
CA TYR B 363 -18.14 -12.38 35.22
C TYR B 363 -16.97 -11.45 35.46
N ILE B 364 -16.90 -10.29 34.80
CA ILE B 364 -15.68 -9.50 34.69
C ILE B 364 -15.86 -8.15 35.34
N ASP B 365 -14.98 -7.82 36.30
CA ASP B 365 -14.85 -6.47 36.82
C ASP B 365 -13.36 -6.25 37.10
N LEU B 366 -12.66 -5.69 36.11
CA LEU B 366 -11.22 -5.51 36.25
C LEU B 366 -10.84 -4.34 37.15
N THR B 367 -11.80 -3.48 37.52
CA THR B 367 -11.49 -2.41 38.46
C THR B 367 -11.12 -2.96 39.84
N ARG B 368 -11.46 -4.21 40.14
CA ARG B 368 -11.11 -4.81 41.43
C ARG B 368 -9.61 -4.99 41.61
N PHE B 369 -8.80 -4.78 40.57
CA PHE B 369 -7.35 -4.89 40.70
C PHE B 369 -6.72 -3.56 41.09
#